data_4A4A
#
_entry.id   4A4A
#
_cell.length_a   90.996
_cell.length_b   90.996
_cell.length_c   252.856
_cell.angle_alpha   90.00
_cell.angle_beta   90.00
_cell.angle_gamma   120.00
#
_symmetry.space_group_name_H-M   'P 61'
#
loop_
_entity.id
_entity.type
_entity.pdbx_description
1 polymer 'ALPHA-N-ACETYLGLUCOSAMINIDASE FAMILY PROTEIN'
2 branched 2-acetamido-2-deoxy-alpha-D-glucopyranose-(1-4)-beta-D-galactopyranose
3 non-polymer 'SULFATE ION'
4 non-polymer 'CALCIUM ION'
5 non-polymer GLYCEROL
6 water water
#
_entity_poly.entity_id   1
_entity_poly.type   'polypeptide(L)'
_entity_poly.pdbx_seq_one_letter_code
;MGSSHHHHHHSSGLVPRGSHMASGVEITEGVTVTAKGNTEGNTADLAIDGDLSTYWESSNDYKWIEVDLGGIYELSKIEI
FNKDEAVYKYNIYASEDGENFNKIAYKNNDNVSDSNGNMHTIDNVRAGKIRIDVVQNSNSDRVNIAEINVFGKNTGESLP
EVKKIATSNFSETPWATEYEKFNSDSAYANEKTLNEIKNLVGRVIGREFKDKFIFEIRDQLNGNDVFEVSDSGDGKVLIK
GNNGVSLASGFNYYLKNYCNVSYNPIMGSNLKMPETMPSVGERVVIDTPYEHRYALNFCTYSYTMSFWDWDQYEEFLDWC
AMNGVNLVLDIIGQEEVLRRTLNEFGYSDEEVKEFISGPAYFAWFYMQNMTGFGGPLPNDWFEQRAELGRKMHDRMQSFG
INPVLQGYSGMVPRDFKEKNQEAQTISQGGWCGFDRPDMLKTYVNEGEADYFQKVADVFYEKQKEVFGDVTNFYGVDPFH
QGGNTGDLDNGKIYEIIQNKMIEHDNDAVWVIQNWQGNPSNNKLEGLTKKDQAMVLDLFSEVSPDWNRLEERDLPWIWNM
LHNFGGRMGMDAAPEKLATEIPKALANSEHMVGIGITPQAINTNPLAYELLFDMAWTRDQINFRTWTEDYIERRYGKTNK
EILEAWNIILDTAYKKRNDYYQGAAESIINARPGFGIKSASTWGHSKIVYDKSEFEKAIEIFAKNYDEFKDSDAFLYDFA
DILKQLLANSAQEYYEVMCNAYNNGNGEKFKFVSGKFLELIKLQERVLSTRPEFLIGNWIEDARTMLKDSDDWTKDLFEF
NARALVTTWGSRNNADGGGLKDYSNRQWSGLTEDYYYARWEKWINGLQAELDGGAKAPNIDWFKMEYDWVNKKSDTDKLY
PTEASNENLGELAKIAMESYSVTNMDKILGENES
;
_entity_poly.pdbx_strand_id   A
#
# COMPACT_ATOMS: atom_id res chain seq x y z
N GLY A 24 -13.66 -18.11 41.91
CA GLY A 24 -12.39 -18.19 42.63
C GLY A 24 -11.49 -19.28 42.07
N VAL A 25 -10.29 -19.32 42.59
CA VAL A 25 -9.84 -18.39 43.60
C VAL A 25 -8.95 -17.29 42.99
N GLU A 26 -8.97 -16.12 43.62
CA GLU A 26 -8.18 -14.99 43.14
C GLU A 26 -6.70 -15.30 43.19
N ILE A 27 -6.00 -14.92 42.12
CA ILE A 27 -4.58 -15.20 41.96
C ILE A 27 -3.90 -13.97 42.52
N THR A 28 -3.46 -14.15 43.77
CA THR A 28 -2.99 -13.05 44.61
C THR A 28 -1.50 -13.06 44.88
N GLU A 29 -0.75 -14.03 44.33
CA GLU A 29 0.71 -14.14 44.52
C GLU A 29 1.41 -14.51 43.24
N GLY A 30 2.60 -13.96 43.06
CA GLY A 30 3.46 -14.29 41.93
C GLY A 30 3.12 -13.62 40.59
N VAL A 31 2.18 -12.67 40.61
CA VAL A 31 1.68 -11.98 39.41
C VAL A 31 2.57 -10.78 39.11
N THR A 32 3.01 -10.64 37.85
CA THR A 32 3.81 -9.48 37.45
C THR A 32 3.27 -8.93 36.13
N VAL A 33 3.77 -7.78 35.69
CA VAL A 33 3.16 -7.10 34.53
C VAL A 33 4.21 -6.29 33.75
N THR A 34 4.03 -6.19 32.43
CA THR A 34 4.85 -5.31 31.60
C THR A 34 3.96 -4.43 30.71
N ALA A 35 4.51 -3.32 30.26
CA ALA A 35 3.84 -2.45 29.28
C ALA A 35 4.94 -1.85 28.42
N LYS A 36 4.57 -1.24 27.31
CA LYS A 36 5.54 -0.68 26.40
C LYS A 36 5.45 0.83 26.40
N GLY A 37 4.69 1.38 27.32
CA GLY A 37 4.77 2.82 27.57
C GLY A 37 3.86 3.18 28.71
N ASN A 38 4.15 4.30 29.35
CA ASN A 38 3.28 4.81 30.42
C ASN A 38 3.52 6.28 30.65
N THR A 39 2.50 7.00 31.11
CA THR A 39 2.65 8.42 31.41
C THR A 39 3.39 8.48 32.76
N GLU A 40 4.01 9.62 33.04
CA GLU A 40 4.97 9.65 34.15
C GLU A 40 4.29 9.30 35.47
N GLY A 41 4.87 8.35 36.20
CA GLY A 41 4.34 7.99 37.52
C GLY A 41 3.28 6.89 37.44
N ASN A 42 2.76 6.63 36.23
CA ASN A 42 1.64 5.70 36.04
C ASN A 42 2.08 4.43 35.39
N THR A 43 2.96 3.73 36.07
CA THR A 43 3.65 2.55 35.56
C THR A 43 2.78 1.29 35.60
N ALA A 44 3.19 0.32 34.77
CA ALA A 44 2.46 -0.88 34.53
C ALA A 44 2.08 -1.60 35.86
N ASP A 45 3.06 -1.67 36.76
CA ASP A 45 2.89 -2.37 38.02
C ASP A 45 1.75 -1.79 38.84
N LEU A 46 1.39 -0.53 38.59
CA LEU A 46 0.23 0.06 39.25
C LEU A 46 -1.14 -0.50 38.82
N ALA A 47 -1.17 -1.34 37.78
CA ALA A 47 -2.43 -2.02 37.41
C ALA A 47 -2.70 -3.22 38.29
N ILE A 48 -1.67 -3.67 39.03
CA ILE A 48 -1.79 -4.90 39.81
C ILE A 48 -1.33 -4.74 41.26
N ASP A 49 -1.36 -3.50 41.76
CA ASP A 49 -0.87 -3.23 43.12
C ASP A 49 -1.93 -3.36 44.22
N GLY A 50 -3.10 -3.88 43.84
CA GLY A 50 -4.23 -4.00 44.80
C GLY A 50 -4.83 -2.68 45.28
N ASP A 51 -4.50 -1.58 44.62
CA ASP A 51 -4.93 -0.25 45.05
C ASP A 51 -5.72 0.44 43.93
N LEU A 52 -6.98 0.79 44.21
CA LEU A 52 -7.80 1.41 43.17
C LEU A 52 -7.46 2.84 42.86
N SER A 53 -6.62 3.46 43.69
CA SER A 53 -6.29 4.86 43.47
C SER A 53 -5.02 5.03 42.64
N THR A 54 -4.38 3.93 42.27
CA THR A 54 -3.19 3.99 41.42
C THR A 54 -3.52 3.27 40.10
N TYR A 55 -2.92 3.70 38.99
CA TYR A 55 -3.29 3.10 37.70
C TYR A 55 -2.11 3.14 36.76
N TRP A 56 -2.07 2.18 35.86
CA TRP A 56 -1.21 2.28 34.68
C TRP A 56 -1.96 3.16 33.69
N GLU A 57 -1.25 4.02 32.95
CA GLU A 57 -1.89 4.81 31.93
C GLU A 57 -0.96 4.85 30.74
N SER A 58 -1.55 4.77 29.54
CA SER A 58 -0.74 4.70 28.33
C SER A 58 -0.18 6.05 27.96
N SER A 59 0.99 6.04 27.30
CA SER A 59 1.62 7.26 26.80
C SER A 59 1.76 7.26 25.29
N ASN A 60 1.61 6.09 24.67
CA ASN A 60 1.74 5.99 23.21
C ASN A 60 0.70 5.05 22.59
N ASP A 61 0.97 4.58 21.38
CA ASP A 61 -0.01 3.73 20.71
C ASP A 61 0.01 2.30 21.17
N TYR A 62 0.94 1.93 22.05
CA TYR A 62 0.89 0.59 22.64
C TYR A 62 -0.06 0.71 23.84
N LYS A 63 -1.33 0.36 23.63
CA LYS A 63 -2.35 0.62 24.66
C LYS A 63 -2.74 -0.68 25.38
N TRP A 64 -1.78 -1.58 25.53
CA TRP A 64 -2.01 -2.85 26.21
C TRP A 64 -0.95 -3.16 27.25
N ILE A 65 -1.34 -4.00 28.21
CA ILE A 65 -0.38 -4.55 29.18
C ILE A 65 -0.42 -6.07 29.08
N GLU A 66 0.64 -6.69 29.58
CA GLU A 66 0.79 -8.13 29.57
C GLU A 66 1.08 -8.58 31.02
N VAL A 67 0.18 -9.40 31.55
CA VAL A 67 0.24 -9.88 32.93
C VAL A 67 0.71 -11.34 32.94
N ASP A 68 1.73 -11.65 33.74
CA ASP A 68 2.19 -13.05 33.87
C ASP A 68 1.70 -13.58 35.21
N LEU A 69 1.11 -14.76 35.20
CA LEU A 69 0.37 -15.19 36.39
C LEU A 69 1.22 -15.99 37.38
N GLY A 70 2.49 -16.13 37.07
CA GLY A 70 3.41 -17.03 37.78
C GLY A 70 2.99 -18.50 37.75
N GLY A 71 2.42 -18.94 36.63
CA GLY A 71 2.11 -20.35 36.45
C GLY A 71 0.89 -20.40 35.53
N ILE A 72 0.52 -21.58 35.08
CA ILE A 72 -0.62 -21.70 34.22
C ILE A 72 -1.86 -21.97 35.09
N TYR A 73 -2.89 -21.14 34.94
CA TYR A 73 -4.16 -21.31 35.64
C TYR A 73 -5.30 -21.55 34.65
N GLU A 74 -6.25 -22.41 35.04
CA GLU A 74 -7.53 -22.47 34.34
C GLU A 74 -8.38 -21.28 34.79
N LEU A 75 -8.54 -20.28 33.92
CA LEU A 75 -9.17 -19.02 34.33
C LEU A 75 -10.69 -19.10 34.37
N SER A 76 -11.32 -18.50 35.38
CA SER A 76 -12.79 -18.48 35.44
C SER A 76 -13.33 -17.07 35.30
N LYS A 77 -12.55 -16.09 35.77
CA LYS A 77 -13.01 -14.72 35.85
C LYS A 77 -11.85 -13.71 35.73
N ILE A 78 -12.18 -12.57 35.13
CA ILE A 78 -11.25 -11.44 35.09
C ILE A 78 -12.03 -10.19 35.37
N GLU A 79 -11.56 -9.40 36.33
CA GLU A 79 -12.25 -8.20 36.81
C GLU A 79 -11.38 -6.98 36.52
N ILE A 80 -11.98 -5.95 35.93
CA ILE A 80 -11.22 -4.78 35.49
C ILE A 80 -11.77 -3.49 36.06
N PHE A 81 -10.87 -2.69 36.62
CA PHE A 81 -11.25 -1.38 37.11
C PHE A 81 -10.47 -0.32 36.37
N ASN A 82 -11.15 0.77 36.03
CA ASN A 82 -10.48 1.94 35.44
C ASN A 82 -10.38 3.08 36.47
N LYS A 83 -9.75 4.19 36.12
CA LYS A 83 -9.47 5.24 37.10
C LYS A 83 -10.62 6.21 37.24
N ASP A 84 -11.62 6.14 36.35
CA ASP A 84 -12.74 7.08 36.37
C ASP A 84 -14.02 6.42 35.82
N GLU A 85 -14.99 7.24 35.45
CA GLU A 85 -16.28 6.75 34.98
C GLU A 85 -16.52 6.97 33.48
N ALA A 86 -15.43 7.04 32.71
CA ALA A 86 -15.54 7.04 31.25
C ALA A 86 -16.04 5.69 30.69
N VAL A 87 -16.33 5.63 29.39
CA VAL A 87 -16.66 4.35 28.72
C VAL A 87 -15.38 3.78 28.07
N TYR A 88 -14.97 2.58 28.52
CA TYR A 88 -13.77 1.91 28.00
C TYR A 88 -14.22 0.71 27.15
N LYS A 89 -13.46 0.42 26.11
CA LYS A 89 -13.61 -0.82 25.36
C LYS A 89 -12.25 -1.47 25.29
N TYR A 90 -12.23 -2.80 25.39
CA TYR A 90 -10.95 -3.49 25.45
C TYR A 90 -11.14 -4.91 25.01
N ASN A 91 -10.03 -5.54 24.65
CA ASN A 91 -10.01 -6.92 24.26
C ASN A 91 -9.00 -7.65 25.12
N ILE A 92 -9.34 -8.86 25.54
CA ILE A 92 -8.49 -9.64 26.44
C ILE A 92 -8.05 -10.95 25.81
N TYR A 93 -6.75 -11.27 25.91
CA TYR A 93 -6.15 -12.42 25.25
C TYR A 93 -5.40 -13.23 26.30
N ALA A 94 -5.20 -14.52 26.03
CA ALA A 94 -4.55 -15.46 26.96
C ALA A 94 -3.64 -16.39 26.19
N SER A 95 -2.50 -16.75 26.79
CA SER A 95 -1.59 -17.70 26.20
C SER A 95 -1.26 -18.78 27.23
N GLU A 96 -1.36 -20.04 26.81
CA GLU A 96 -0.85 -21.16 27.63
C GLU A 96 0.49 -21.69 27.12
N ASP A 97 0.93 -21.25 25.94
CA ASP A 97 2.21 -21.75 25.41
C ASP A 97 3.29 -20.68 25.35
N GLY A 98 2.95 -19.45 25.73
CA GLY A 98 3.92 -18.35 25.69
C GLY A 98 4.09 -17.70 24.31
N GLU A 99 3.53 -18.31 23.27
CA GLU A 99 3.68 -17.83 21.89
C GLU A 99 2.36 -17.26 21.38
N ASN A 100 1.29 -18.06 21.52
CA ASN A 100 0.00 -17.73 20.98
C ASN A 100 -0.93 -17.10 22.03
N PHE A 101 -1.38 -15.89 21.72
CA PHE A 101 -2.36 -15.16 22.50
C PHE A 101 -3.68 -15.11 21.79
N ASN A 102 -4.63 -15.86 22.34
CA ASN A 102 -5.94 -15.93 21.75
C ASN A 102 -6.97 -15.20 22.57
N LYS A 103 -8.01 -14.72 21.90
CA LYS A 103 -8.93 -13.79 22.51
C LYS A 103 -9.94 -14.54 23.36
N ILE A 104 -10.15 -14.08 24.58
CA ILE A 104 -10.95 -14.86 25.56
C ILE A 104 -12.11 -14.06 26.16
N ALA A 105 -12.01 -12.74 26.04
CA ALA A 105 -13.10 -11.86 26.49
C ALA A 105 -12.90 -10.47 25.90
N TYR A 106 -13.96 -9.67 25.90
CA TYR A 106 -13.91 -8.27 25.49
C TYR A 106 -15.08 -7.49 26.01
N LYS A 107 -14.90 -6.18 26.08
CA LYS A 107 -15.98 -5.28 26.34
C LYS A 107 -16.11 -4.38 25.18
N ASN A 108 -17.26 -4.41 24.50
CA ASN A 108 -17.51 -3.43 23.45
C ASN A 108 -18.82 -2.68 23.68
N ASN A 109 -19.49 -2.94 24.79
CA ASN A 109 -20.68 -2.16 25.07
C ASN A 109 -20.34 -0.73 25.51
N ASP A 110 -21.35 0.12 25.53
CA ASP A 110 -21.15 1.52 25.88
C ASP A 110 -21.36 1.84 27.35
N ASN A 111 -21.31 0.86 28.25
CA ASN A 111 -21.50 1.10 29.68
C ASN A 111 -20.30 1.86 30.26
N VAL A 112 -20.60 2.88 31.07
CA VAL A 112 -19.54 3.59 31.76
C VAL A 112 -18.88 2.64 32.78
N SER A 113 -17.59 2.83 33.04
CA SER A 113 -16.97 2.15 34.15
C SER A 113 -17.46 2.78 35.46
N ASP A 114 -17.43 2.03 36.54
CA ASP A 114 -17.79 2.60 37.85
C ASP A 114 -17.00 1.92 38.96
N SER A 115 -17.39 2.23 40.20
CA SER A 115 -16.65 1.77 41.38
C SER A 115 -16.80 0.27 41.62
N ASN A 116 -17.71 -0.41 40.91
CA ASN A 116 -17.85 -1.87 41.06
C ASN A 116 -16.97 -2.69 40.12
N GLY A 117 -16.40 -2.06 39.10
CA GLY A 117 -15.51 -2.79 38.22
C GLY A 117 -16.28 -3.61 37.21
N ASN A 118 -15.58 -4.12 36.19
CA ASN A 118 -16.21 -4.95 35.17
C ASN A 118 -15.80 -6.38 35.38
N MET A 119 -16.76 -7.29 35.50
CA MET A 119 -16.44 -8.68 35.73
C MET A 119 -16.74 -9.49 34.47
N HIS A 120 -15.74 -10.22 34.00
CA HIS A 120 -15.81 -11.04 32.78
C HIS A 120 -15.66 -12.49 33.10
N THR A 121 -16.68 -13.26 32.69
CA THR A 121 -16.65 -14.71 32.81
C THR A 121 -15.75 -15.32 31.73
N ILE A 122 -14.86 -16.20 32.15
CA ILE A 122 -13.96 -16.84 31.21
C ILE A 122 -14.35 -18.30 31.29
N ASP A 123 -14.41 -18.96 30.14
CA ASP A 123 -14.85 -20.36 30.10
C ASP A 123 -13.70 -21.33 30.41
N ASN A 124 -13.14 -21.21 31.61
CA ASN A 124 -12.11 -22.12 32.09
C ASN A 124 -11.01 -22.36 31.08
N VAL A 125 -10.43 -21.26 30.62
CA VAL A 125 -9.33 -21.32 29.70
C VAL A 125 -7.98 -21.35 30.43
N ARG A 126 -7.12 -22.28 30.02
CA ARG A 126 -5.73 -22.35 30.52
C ARG A 126 -4.92 -21.16 30.05
N ALA A 127 -4.17 -20.54 30.96
CA ALA A 127 -3.43 -19.31 30.64
C ALA A 127 -2.29 -19.09 31.61
N GLY A 128 -1.10 -18.79 31.10
CA GLY A 128 0.05 -18.40 31.93
C GLY A 128 0.26 -16.90 31.86
N LYS A 129 -0.17 -16.31 30.73
CA LYS A 129 0.01 -14.87 30.51
C LYS A 129 -1.27 -14.38 29.93
N ILE A 130 -1.63 -13.13 30.24
CA ILE A 130 -2.78 -12.52 29.56
C ILE A 130 -2.39 -11.14 29.02
N ARG A 131 -3.04 -10.72 27.94
CA ARG A 131 -2.85 -9.34 27.43
C ARG A 131 -4.16 -8.61 27.47
N ILE A 132 -4.15 -7.37 27.95
CA ILE A 132 -5.37 -6.58 27.94
C ILE A 132 -5.13 -5.34 27.08
N ASP A 133 -5.87 -5.18 26.00
CA ASP A 133 -5.62 -4.06 25.06
C ASP A 133 -6.81 -3.14 25.18
N VAL A 134 -6.59 -1.93 25.68
CA VAL A 134 -7.69 -1.01 25.89
C VAL A 134 -7.72 -0.10 24.70
N VAL A 135 -8.73 -0.27 23.84
CA VAL A 135 -8.70 0.35 22.53
C VAL A 135 -9.56 1.61 22.53
N GLN A 136 -10.29 1.83 23.61
CA GLN A 136 -11.10 3.04 23.66
C GLN A 136 -11.25 3.56 25.08
N ASN A 137 -11.11 4.89 25.22
CA ASN A 137 -11.52 5.64 26.40
C ASN A 137 -12.35 6.84 25.93
N SER A 138 -13.64 6.93 26.30
CA SER A 138 -14.47 8.02 25.76
C SER A 138 -13.97 9.43 26.17
N ASN A 139 -13.16 9.49 27.22
CA ASN A 139 -12.76 10.74 27.83
C ASN A 139 -11.35 11.19 27.47
N SER A 140 -10.56 10.34 26.82
CA SER A 140 -9.18 10.70 26.57
C SER A 140 -8.59 9.85 25.47
N ASP A 141 -7.50 10.32 24.87
CA ASP A 141 -6.75 9.47 23.95
C ASP A 141 -5.91 8.47 24.75
N ARG A 142 -5.64 8.78 26.01
CA ARG A 142 -4.89 7.83 26.84
C ARG A 142 -5.86 6.88 27.51
N VAL A 143 -5.41 5.64 27.72
CA VAL A 143 -6.23 4.62 28.36
C VAL A 143 -5.57 4.23 29.69
N ASN A 144 -6.30 3.52 30.54
CA ASN A 144 -5.76 3.20 31.85
C ASN A 144 -6.36 1.94 32.39
N ILE A 145 -5.65 1.34 33.34
CA ILE A 145 -6.22 0.28 34.11
C ILE A 145 -5.80 0.57 35.56
N ALA A 146 -6.79 0.73 36.44
CA ALA A 146 -6.52 0.95 37.88
C ALA A 146 -6.20 -0.36 38.61
N GLU A 147 -6.99 -1.42 38.38
CA GLU A 147 -6.68 -2.73 38.92
C GLU A 147 -7.18 -3.79 37.96
N ILE A 148 -6.48 -4.92 37.94
CA ILE A 148 -7.02 -6.11 37.31
C ILE A 148 -6.85 -7.30 38.24
N ASN A 149 -7.95 -8.02 38.46
CA ASN A 149 -7.93 -9.24 39.22
C ASN A 149 -8.23 -10.41 38.29
N VAL A 150 -7.49 -11.48 38.50
CA VAL A 150 -7.64 -12.70 37.75
C VAL A 150 -7.98 -13.82 38.75
N PHE A 151 -9.00 -14.62 38.39
CA PHE A 151 -9.45 -15.76 39.20
C PHE A 151 -9.37 -17.03 38.41
N GLY A 152 -8.88 -18.11 39.05
CA GLY A 152 -8.87 -19.41 38.42
C GLY A 152 -8.22 -20.46 39.30
N LYS A 153 -7.92 -21.61 38.70
CA LYS A 153 -7.46 -22.78 39.41
C LYS A 153 -6.07 -23.12 38.93
N ASN A 154 -5.13 -23.23 39.85
CA ASN A 154 -3.75 -23.54 39.49
C ASN A 154 -3.63 -24.93 38.87
N THR A 155 -2.99 -25.03 37.71
CA THR A 155 -2.81 -26.33 37.06
C THR A 155 -1.56 -27.01 37.60
N GLY A 156 -0.69 -26.22 38.22
CA GLY A 156 0.60 -26.72 38.66
C GLY A 156 1.63 -26.80 37.55
N GLU A 157 1.26 -26.37 36.35
CA GLU A 157 2.21 -26.30 35.25
C GLU A 157 2.76 -24.89 35.05
N SER A 158 3.82 -24.80 34.25
CA SER A 158 4.51 -23.57 33.98
C SER A 158 4.55 -23.37 32.47
N LEU A 159 4.57 -22.12 32.03
CA LEU A 159 4.78 -21.81 30.60
C LEU A 159 6.09 -22.39 30.07
N PRO A 160 6.09 -22.87 28.82
CA PRO A 160 7.41 -23.19 28.27
C PRO A 160 8.22 -21.94 27.96
N GLU A 161 9.52 -22.13 27.81
CA GLU A 161 10.39 -21.09 27.27
C GLU A 161 9.96 -20.83 25.85
N VAL A 162 9.94 -19.56 25.45
CA VAL A 162 9.56 -19.20 24.07
C VAL A 162 10.82 -19.39 23.25
N LYS A 163 10.69 -20.00 22.07
CA LYS A 163 11.85 -20.24 21.21
C LYS A 163 12.34 -18.92 20.61
N LYS A 164 13.64 -18.68 20.70
CA LYS A 164 14.29 -17.51 20.10
C LYS A 164 13.99 -17.48 18.59
N ILE A 165 13.84 -16.28 18.01
CA ILE A 165 13.68 -16.10 16.55
C ILE A 165 14.91 -16.69 15.88
N ALA A 166 14.72 -17.49 14.83
CA ALA A 166 15.87 -18.09 14.16
C ALA A 166 15.54 -18.18 12.70
N THR A 167 16.42 -17.67 11.85
CA THR A 167 16.29 -17.82 10.40
C THR A 167 17.54 -18.47 9.81
N SER A 168 17.36 -19.00 8.61
CA SER A 168 18.47 -19.60 7.90
C SER A 168 19.25 -18.53 7.17
N ASN A 169 20.54 -18.76 7.06
CA ASN A 169 21.40 -18.05 6.15
C ASN A 169 21.16 -18.51 4.70
N PHE A 170 21.13 -17.58 3.75
CA PHE A 170 20.86 -17.92 2.35
C PHE A 170 21.72 -19.13 1.90
N SER A 171 23.02 -19.04 2.17
CA SER A 171 24.03 -19.99 1.66
C SER A 171 23.71 -21.44 2.02
N GLU A 172 22.86 -21.61 3.04
CA GLU A 172 22.52 -22.92 3.55
C GLU A 172 21.16 -23.44 3.09
N THR A 173 20.52 -22.74 2.16
CA THR A 173 19.19 -23.12 1.76
C THR A 173 19.25 -23.63 0.32
N PRO A 174 18.23 -24.39 -0.12
CA PRO A 174 18.16 -24.84 -1.50
C PRO A 174 18.05 -23.67 -2.48
N TRP A 175 17.64 -22.48 -1.99
CA TRP A 175 17.63 -21.28 -2.83
C TRP A 175 19.02 -20.92 -3.33
N ALA A 176 20.03 -20.99 -2.45
CA ALA A 176 21.40 -20.66 -2.85
C ALA A 176 21.90 -21.61 -3.96
N THR A 177 21.64 -22.91 -3.77
CA THR A 177 22.07 -23.92 -4.77
C THR A 177 21.49 -23.59 -6.15
N GLU A 178 20.18 -23.35 -6.19
CA GLU A 178 19.46 -23.04 -7.44
C GLU A 178 19.96 -21.73 -8.08
N TYR A 179 20.16 -20.72 -7.24
CA TYR A 179 20.57 -19.40 -7.71
C TYR A 179 21.95 -19.51 -8.34
N GLU A 180 22.79 -20.29 -7.70
CA GLU A 180 24.15 -20.45 -8.21
C GLU A 180 24.16 -21.35 -9.46
N LYS A 181 23.26 -22.32 -9.51
CA LYS A 181 23.25 -23.25 -10.64
C LYS A 181 22.80 -22.48 -11.87
N PHE A 182 21.74 -21.68 -11.72
CA PHE A 182 21.31 -20.75 -12.78
C PHE A 182 22.45 -19.86 -13.26
N ASN A 183 23.18 -19.28 -12.31
CA ASN A 183 24.26 -18.37 -12.67
C ASN A 183 25.39 -19.00 -13.46
N SER A 184 25.67 -20.25 -13.15
CA SER A 184 26.92 -20.84 -13.60
C SER A 184 26.75 -21.84 -14.78
N ASP A 185 25.51 -22.14 -15.15
CA ASP A 185 25.24 -23.16 -16.18
C ASP A 185 24.17 -22.59 -17.11
N SER A 186 24.63 -22.00 -18.21
CA SER A 186 23.81 -21.38 -19.25
C SER A 186 22.65 -22.24 -19.73
N ALA A 187 22.95 -23.51 -20.04
CA ALA A 187 21.97 -24.44 -20.52
C ALA A 187 20.88 -24.63 -19.48
N TYR A 188 21.31 -24.81 -18.23
CA TYR A 188 20.37 -24.97 -17.13
C TYR A 188 19.50 -23.69 -16.97
N ALA A 189 20.17 -22.55 -16.94
CA ALA A 189 19.48 -21.26 -16.86
C ALA A 189 18.47 -21.09 -18.02
N ASN A 190 18.88 -21.43 -19.25
CA ASN A 190 17.98 -21.27 -20.40
C ASN A 190 16.78 -22.15 -20.32
N GLU A 191 16.98 -23.38 -19.88
CA GLU A 191 15.89 -24.31 -19.74
C GLU A 191 14.91 -23.80 -18.68
N LYS A 192 15.45 -23.29 -17.56
CA LYS A 192 14.64 -22.71 -16.47
C LYS A 192 13.82 -21.52 -17.00
N THR A 193 14.46 -20.56 -17.66
CA THR A 193 13.73 -19.39 -18.21
C THR A 193 12.62 -19.83 -19.19
N LEU A 194 13.01 -20.69 -20.13
CA LEU A 194 12.03 -21.15 -21.14
C LEU A 194 10.85 -21.92 -20.53
N ASN A 195 11.10 -22.80 -19.56
CA ASN A 195 10.04 -23.52 -18.82
CA ASN A 195 10.02 -23.49 -18.89
C ASN A 195 9.17 -22.52 -18.05
N GLU A 196 9.81 -21.51 -17.42
CA GLU A 196 9.02 -20.54 -16.65
CA GLU A 196 9.01 -20.56 -16.64
C GLU A 196 8.08 -19.74 -17.52
N ILE A 197 8.55 -19.36 -18.71
CA ILE A 197 7.71 -18.58 -19.62
C ILE A 197 6.53 -19.42 -20.10
N LYS A 198 6.76 -20.72 -20.28
CA LYS A 198 5.68 -21.66 -20.54
C LYS A 198 4.71 -21.76 -19.39
N ASN A 199 5.22 -21.87 -18.18
CA ASN A 199 4.36 -21.76 -16.99
C ASN A 199 3.52 -20.47 -16.95
N LEU A 200 4.14 -19.36 -17.29
CA LEU A 200 3.41 -18.09 -17.34
C LEU A 200 2.24 -18.18 -18.34
N VAL A 201 2.47 -18.71 -19.54
CA VAL A 201 1.36 -18.81 -20.53
C VAL A 201 0.18 -19.57 -19.88
N GLY A 202 0.52 -20.72 -19.26
CA GLY A 202 -0.45 -21.56 -18.55
C GLY A 202 -1.22 -20.77 -17.51
N ARG A 203 -0.53 -19.99 -16.68
CA ARG A 203 -1.22 -19.24 -15.64
C ARG A 203 -2.08 -18.12 -16.23
N VAL A 204 -1.63 -17.53 -17.33
CA VAL A 204 -2.28 -16.33 -17.83
C VAL A 204 -3.50 -16.68 -18.68
N ILE A 205 -3.31 -17.54 -19.67
CA ILE A 205 -4.44 -17.87 -20.54
C ILE A 205 -4.97 -19.30 -20.38
N GLY A 206 -4.29 -20.16 -19.63
CA GLY A 206 -4.75 -21.56 -19.42
C GLY A 206 -3.75 -22.58 -19.96
N ARG A 207 -3.61 -23.68 -19.24
CA ARG A 207 -2.67 -24.77 -19.55
C ARG A 207 -2.79 -25.30 -20.98
N GLU A 208 -4.01 -25.30 -21.51
CA GLU A 208 -4.28 -25.82 -22.86
C GLU A 208 -3.60 -25.01 -23.98
N PHE A 209 -3.13 -23.80 -23.68
CA PHE A 209 -2.39 -23.00 -24.67
C PHE A 209 -0.87 -23.13 -24.61
N LYS A 210 -0.35 -23.83 -23.62
CA LYS A 210 1.11 -23.92 -23.46
C LYS A 210 1.79 -24.50 -24.69
N ASP A 211 1.19 -25.54 -25.27
CA ASP A 211 1.81 -26.24 -26.42
C ASP A 211 1.60 -25.52 -27.75
N LYS A 212 0.98 -24.34 -27.69
CA LYS A 212 0.78 -23.52 -28.87
C LYS A 212 1.92 -22.53 -29.13
N PHE A 213 2.90 -22.48 -28.24
CA PHE A 213 4.00 -21.56 -28.35
C PHE A 213 5.34 -22.28 -28.34
N ILE A 214 6.29 -21.75 -29.09
CA ILE A 214 7.69 -22.19 -29.00
C ILE A 214 8.54 -20.96 -28.65
N PHE A 215 9.35 -21.06 -27.59
CA PHE A 215 10.11 -19.90 -27.09
C PHE A 215 11.61 -20.12 -27.35
N GLU A 216 12.28 -19.08 -27.80
CA GLU A 216 13.71 -19.15 -28.05
C GLU A 216 14.45 -17.95 -27.44
N ILE A 217 15.58 -18.19 -26.82
CA ILE A 217 16.50 -17.10 -26.45
C ILE A 217 17.21 -16.64 -27.72
N ARG A 218 17.38 -15.33 -27.85
CA ARG A 218 18.24 -14.74 -28.85
C ARG A 218 19.12 -13.70 -28.19
N ASP A 219 19.94 -13.05 -28.99
CA ASP A 219 20.76 -11.94 -28.53
C ASP A 219 20.00 -10.60 -28.53
N GLN A 220 20.62 -9.59 -27.96
CA GLN A 220 20.08 -8.25 -27.95
C GLN A 220 20.18 -7.71 -29.35
N LEU A 221 19.38 -6.74 -29.72
CA LEU A 221 19.55 -6.17 -30.99
C LEU A 221 20.22 -4.85 -30.75
N ASN A 222 21.42 -4.73 -31.26
CA ASN A 222 22.20 -3.52 -31.20
C ASN A 222 22.32 -3.07 -29.74
N GLY A 223 22.49 -3.98 -28.83
CA GLY A 223 22.57 -3.63 -27.44
C GLY A 223 21.25 -3.35 -26.70
N ASN A 224 20.13 -3.60 -27.35
CA ASN A 224 18.80 -3.34 -26.80
C ASN A 224 17.99 -4.59 -26.59
N ASP A 225 17.16 -4.61 -25.56
CA ASP A 225 16.24 -5.74 -25.38
C ASP A 225 15.29 -5.80 -26.57
N VAL A 226 14.88 -7.02 -26.93
CA VAL A 226 14.19 -7.26 -28.21
C VAL A 226 13.37 -8.52 -28.10
N PHE A 227 12.21 -8.50 -28.75
CA PHE A 227 11.51 -9.74 -28.99
C PHE A 227 11.11 -9.89 -30.48
N GLU A 228 10.79 -11.13 -30.84
CA GLU A 228 10.27 -11.43 -32.20
C GLU A 228 9.04 -12.29 -32.09
N VAL A 229 8.09 -12.09 -33.00
CA VAL A 229 6.91 -12.97 -33.06
C VAL A 229 6.74 -13.40 -34.54
N SER A 230 6.48 -14.68 -34.76
CA SER A 230 6.27 -15.20 -36.14
C SER A 230 5.61 -16.56 -36.11
N ASP A 231 5.23 -17.07 -37.29
CA ASP A 231 4.71 -18.44 -37.43
C ASP A 231 5.79 -19.51 -37.48
N SER A 232 5.56 -20.59 -36.76
CA SER A 232 6.51 -21.71 -36.71
C SER A 232 6.56 -22.54 -37.99
N GLY A 233 5.47 -22.46 -38.77
CA GLY A 233 5.34 -23.33 -39.97
C GLY A 233 4.31 -24.43 -39.78
N ASP A 234 4.03 -24.82 -38.54
CA ASP A 234 2.99 -25.82 -38.29
C ASP A 234 1.87 -25.30 -37.39
N GLY A 235 1.56 -24.02 -37.47
CA GLY A 235 0.40 -23.51 -36.72
C GLY A 235 0.73 -23.12 -35.28
N LYS A 236 2.01 -23.05 -34.94
CA LYS A 236 2.40 -22.59 -33.60
C LYS A 236 2.99 -21.21 -33.68
N VAL A 237 3.12 -20.55 -32.52
CA VAL A 237 3.61 -19.20 -32.49
C VAL A 237 5.03 -19.23 -31.95
N LEU A 238 5.95 -18.71 -32.75
CA LEU A 238 7.37 -18.74 -32.38
C LEU A 238 7.71 -17.37 -31.82
N ILE A 239 8.11 -17.33 -30.55
CA ILE A 239 8.45 -16.08 -29.88
C ILE A 239 9.90 -16.13 -29.39
N LYS A 240 10.70 -15.15 -29.79
CA LYS A 240 12.09 -15.10 -29.35
C LYS A 240 12.26 -13.83 -28.48
N GLY A 241 13.30 -13.82 -27.64
CA GLY A 241 13.62 -12.66 -26.82
C GLY A 241 14.95 -12.87 -26.14
N ASN A 242 15.60 -11.78 -25.78
CA ASN A 242 16.98 -11.89 -25.27
C ASN A 242 16.98 -12.42 -23.83
N ASN A 243 15.87 -12.29 -23.11
CA ASN A 243 15.69 -12.87 -21.77
C ASN A 243 14.21 -13.10 -21.51
N GLY A 244 13.87 -13.47 -20.28
CA GLY A 244 12.50 -13.82 -19.90
C GLY A 244 11.50 -12.69 -20.06
N VAL A 245 11.87 -11.49 -19.62
CA VAL A 245 11.04 -10.32 -19.79
C VAL A 245 10.73 -10.05 -21.28
N SER A 246 11.75 -10.09 -22.13
CA SER A 246 11.51 -9.92 -23.57
C SER A 246 10.54 -10.98 -24.15
N LEU A 247 10.70 -12.24 -23.72
CA LEU A 247 9.83 -13.34 -24.15
C LEU A 247 8.38 -13.17 -23.70
N ALA A 248 8.20 -12.79 -22.43
CA ALA A 248 6.90 -12.42 -21.88
C ALA A 248 6.28 -11.23 -22.61
N SER A 249 7.09 -10.22 -22.96
CA SER A 249 6.59 -9.07 -23.67
C SER A 249 6.16 -9.50 -25.08
N GLY A 250 6.89 -10.43 -25.68
CA GLY A 250 6.51 -10.91 -27.02
C GLY A 250 5.21 -11.71 -27.00
N PHE A 251 5.04 -12.53 -25.95
CA PHE A 251 3.78 -13.23 -25.71
C PHE A 251 2.66 -12.21 -25.57
N ASN A 252 2.87 -11.16 -24.79
CA ASN A 252 1.86 -10.14 -24.59
C ASN A 252 1.52 -9.45 -25.92
N TYR A 253 2.54 -9.18 -26.72
CA TYR A 253 2.35 -8.45 -27.96
C TYR A 253 1.49 -9.31 -28.90
N TYR A 254 1.74 -10.61 -28.92
CA TYR A 254 0.95 -11.52 -29.73
C TYR A 254 -0.50 -11.54 -29.25
N LEU A 255 -0.72 -11.70 -27.94
CA LEU A 255 -2.09 -11.64 -27.40
C LEU A 255 -2.82 -10.38 -27.80
N LYS A 256 -2.15 -9.25 -27.62
CA LYS A 256 -2.82 -7.96 -27.78
C LYS A 256 -3.12 -7.59 -29.23
N ASN A 257 -2.19 -7.93 -30.12
CA ASN A 257 -2.25 -7.53 -31.48
C ASN A 257 -2.81 -8.61 -32.40
N TYR A 258 -2.85 -9.86 -31.95
CA TYR A 258 -3.36 -10.91 -32.82
C TYR A 258 -4.58 -11.59 -32.22
N CYS A 259 -4.67 -11.66 -30.89
CA CYS A 259 -5.78 -12.40 -30.26
C CYS A 259 -6.87 -11.48 -29.70
N ASN A 260 -6.65 -10.18 -29.76
CA ASN A 260 -7.56 -9.23 -29.13
C ASN A 260 -7.75 -9.56 -27.63
N VAL A 261 -6.65 -9.93 -26.99
CA VAL A 261 -6.67 -10.35 -25.60
C VAL A 261 -5.87 -9.34 -24.75
N SER A 262 -6.26 -9.17 -23.48
CA SER A 262 -5.69 -8.11 -22.66
C SER A 262 -5.64 -8.59 -21.24
N TYR A 263 -4.44 -8.69 -20.68
CA TYR A 263 -4.27 -9.20 -19.33
C TYR A 263 -3.94 -8.09 -18.32
N ASN A 264 -4.75 -8.01 -17.27
CA ASN A 264 -4.40 -7.18 -16.13
C ASN A 264 -5.04 -7.80 -14.94
N PRO A 265 -4.26 -8.54 -14.13
CA PRO A 265 -4.85 -9.38 -13.10
C PRO A 265 -5.44 -8.55 -11.94
N ILE A 266 -5.04 -7.30 -11.84
CA ILE A 266 -5.51 -6.44 -10.74
C ILE A 266 -6.69 -5.59 -11.20
N MET A 267 -6.71 -5.20 -12.47
CA MET A 267 -7.69 -4.20 -12.92
C MET A 267 -8.57 -4.65 -14.10
N GLY A 268 -8.82 -5.94 -14.21
CA GLY A 268 -9.68 -6.44 -15.28
C GLY A 268 -8.96 -6.87 -16.54
N SER A 269 -9.37 -8.03 -17.03
CA SER A 269 -8.79 -8.68 -18.19
C SER A 269 -9.87 -9.15 -19.19
N ASN A 270 -9.47 -9.31 -20.46
CA ASN A 270 -10.26 -10.13 -21.41
C ASN A 270 -9.34 -11.25 -21.85
N LEU A 271 -9.59 -12.46 -21.37
CA LEU A 271 -8.73 -13.61 -21.65
C LEU A 271 -9.40 -14.64 -22.55
N LYS A 272 -10.53 -14.25 -23.14
CA LYS A 272 -11.21 -15.13 -24.11
C LYS A 272 -10.36 -15.32 -25.37
N MET A 273 -9.74 -16.48 -25.51
CA MET A 273 -8.92 -16.77 -26.68
C MET A 273 -9.74 -17.15 -27.93
N PRO A 274 -9.22 -16.86 -29.13
CA PRO A 274 -9.82 -17.39 -30.38
C PRO A 274 -9.91 -18.92 -30.39
N GLU A 275 -10.87 -19.43 -31.17
CA GLU A 275 -11.13 -20.86 -31.25
C GLU A 275 -9.93 -21.58 -31.86
N THR A 276 -9.25 -20.87 -32.76
CA THR A 276 -7.99 -21.32 -33.35
C THR A 276 -6.94 -20.21 -33.28
N MET A 277 -5.69 -20.59 -32.97
CA MET A 277 -4.55 -19.63 -32.87
C MET A 277 -4.40 -18.81 -34.12
N PRO A 278 -4.54 -17.48 -34.03
CA PRO A 278 -4.33 -16.75 -35.27
C PRO A 278 -2.88 -16.74 -35.72
N SER A 279 -2.71 -16.68 -37.04
CA SER A 279 -1.43 -16.57 -37.69
C SER A 279 -0.85 -15.20 -37.51
N VAL A 280 0.48 -15.16 -37.35
CA VAL A 280 1.20 -13.88 -37.31
C VAL A 280 1.28 -13.20 -38.67
N GLY A 281 1.61 -13.97 -39.71
CA GLY A 281 1.83 -13.38 -41.04
C GLY A 281 3.26 -12.88 -41.11
N GLU A 282 3.49 -11.62 -41.39
CA GLU A 282 4.84 -11.13 -41.46
C GLU A 282 5.51 -11.16 -40.08
N ARG A 283 6.74 -11.63 -40.02
CA ARG A 283 7.44 -11.71 -38.76
C ARG A 283 7.65 -10.32 -38.17
N VAL A 284 7.60 -10.21 -36.85
CA VAL A 284 7.86 -8.93 -36.23
C VAL A 284 9.08 -9.00 -35.31
N VAL A 285 9.92 -7.97 -35.35
CA VAL A 285 11.02 -7.76 -34.44
C VAL A 285 10.81 -6.37 -33.81
N ILE A 286 10.77 -6.30 -32.48
CA ILE A 286 10.49 -5.04 -31.80
C ILE A 286 11.50 -4.92 -30.69
N ASP A 287 12.21 -3.79 -30.68
CA ASP A 287 13.10 -3.51 -29.58
C ASP A 287 12.66 -2.32 -28.71
N THR A 288 13.37 -2.12 -27.57
CA THR A 288 13.14 -0.99 -26.72
C THR A 288 14.47 -0.26 -26.54
N PRO A 289 14.49 1.05 -26.73
CA PRO A 289 15.74 1.78 -26.49
C PRO A 289 16.03 1.93 -24.98
N TYR A 290 15.16 1.43 -24.10
CA TYR A 290 15.42 1.65 -22.64
C TYR A 290 16.13 0.52 -21.95
N GLU A 291 17.21 0.86 -21.25
CA GLU A 291 17.88 -0.14 -20.45
C GLU A 291 16.96 -0.66 -19.37
N HIS A 292 16.19 0.24 -18.73
CA HIS A 292 15.34 -0.16 -17.60
C HIS A 292 13.91 0.22 -17.85
N ARG A 293 13.00 -0.64 -17.44
CA ARG A 293 11.62 -0.32 -17.28
C ARG A 293 11.31 -0.64 -15.83
N TYR A 294 10.94 0.38 -15.08
CA TYR A 294 10.94 0.30 -13.60
C TYR A 294 9.51 0.25 -13.03
N ALA A 295 9.34 -0.45 -11.93
CA ALA A 295 8.07 -0.48 -11.22
C ALA A 295 8.17 -0.39 -9.70
N LEU A 296 7.20 0.34 -9.15
CA LEU A 296 6.85 0.46 -7.75
C LEU A 296 7.42 1.65 -6.99
N ASN A 297 6.67 2.10 -6.02
CA ASN A 297 6.97 3.18 -5.12
C ASN A 297 7.12 2.44 -3.80
N PHE A 298 7.95 2.90 -2.90
CA PHE A 298 7.82 2.40 -1.51
C PHE A 298 6.35 2.34 -1.06
N CYS A 299 5.55 3.37 -1.34
CA CYS A 299 4.16 3.41 -0.87
C CYS A 299 3.35 2.19 -1.37
N THR A 300 3.71 1.66 -2.52
CA THR A 300 2.95 0.58 -3.11
C THR A 300 2.95 -0.64 -2.17
N TYR A 301 4.07 -0.86 -1.51
CA TYR A 301 4.19 -1.95 -0.53
C TYR A 301 3.22 -1.85 0.65
N SER A 302 2.64 -0.66 0.84
CA SER A 302 1.72 -0.43 1.94
C SER A 302 0.28 -0.22 1.42
N TYR A 303 0.06 0.72 0.51
CA TYR A 303 -1.36 0.93 0.10
C TYR A 303 -1.98 -0.22 -0.69
N THR A 304 -1.13 -0.98 -1.38
CA THR A 304 -1.62 -2.10 -2.18
C THR A 304 -1.19 -3.46 -1.63
N MET A 305 0.10 -3.64 -1.41
CA MET A 305 0.70 -4.98 -1.27
C MET A 305 0.83 -5.50 0.17
N SER A 306 0.41 -4.69 1.14
CA SER A 306 0.67 -5.03 2.55
C SER A 306 0.36 -6.50 2.84
N PHE A 307 -0.83 -6.95 2.41
CA PHE A 307 -1.29 -8.27 2.82
C PHE A 307 -1.28 -9.30 1.70
N TRP A 308 -0.51 -9.06 0.64
CA TRP A 308 -0.35 -10.03 -0.46
C TRP A 308 0.33 -11.33 -0.04
N ASP A 309 -0.20 -12.45 -0.54
CA ASP A 309 0.47 -13.75 -0.48
C ASP A 309 1.29 -14.00 -1.79
N TRP A 310 2.08 -15.08 -1.81
CA TRP A 310 2.82 -15.46 -3.02
C TRP A 310 1.96 -15.50 -4.29
N ASP A 311 0.73 -16.00 -4.22
CA ASP A 311 -0.11 -16.09 -5.40
C ASP A 311 -0.28 -14.71 -6.04
N GLN A 312 -0.54 -13.68 -5.22
CA GLN A 312 -0.67 -12.31 -5.71
C GLN A 312 0.65 -11.77 -6.24
N TYR A 313 1.77 -12.04 -5.56
CA TYR A 313 3.07 -11.66 -6.08
C TYR A 313 3.37 -12.31 -7.42
N GLU A 314 3.02 -13.58 -7.56
CA GLU A 314 3.33 -14.31 -8.76
C GLU A 314 2.61 -13.72 -9.96
N GLU A 315 1.34 -13.44 -9.74
CA GLU A 315 0.49 -12.84 -10.71
C GLU A 315 1.00 -11.48 -11.11
N PHE A 316 1.36 -10.67 -10.13
CA PHE A 316 1.96 -9.36 -10.39
C PHE A 316 3.24 -9.47 -11.20
N LEU A 317 4.13 -10.40 -10.86
CA LEU A 317 5.37 -10.48 -11.63
C LEU A 317 5.11 -10.94 -13.07
N ASP A 318 4.11 -11.81 -13.28
CA ASP A 318 3.79 -12.23 -14.66
C ASP A 318 3.35 -11.01 -15.46
N TRP A 319 2.47 -10.20 -14.87
CA TRP A 319 2.03 -8.95 -15.51
C TRP A 319 3.22 -8.00 -15.71
N CYS A 320 4.11 -7.85 -14.72
CA CYS A 320 5.34 -7.08 -14.95
C CYS A 320 6.13 -7.55 -16.20
N ALA A 321 6.50 -8.84 -16.24
CA ALA A 321 7.33 -9.37 -17.35
C ALA A 321 6.62 -9.12 -18.68
N MET A 322 5.32 -9.40 -18.72
CA MET A 322 4.51 -9.20 -19.97
C MET A 322 4.48 -7.75 -20.43
N ASN A 323 4.67 -6.81 -19.48
CA ASN A 323 4.66 -5.39 -19.82
C ASN A 323 6.05 -4.79 -19.88
N GLY A 324 7.05 -5.66 -20.00
CA GLY A 324 8.42 -5.23 -20.26
C GLY A 324 9.21 -4.81 -19.02
N VAL A 325 8.65 -4.97 -17.84
CA VAL A 325 9.28 -4.47 -16.59
C VAL A 325 10.50 -5.34 -16.23
N ASN A 326 11.65 -4.70 -16.03
CA ASN A 326 12.84 -5.46 -15.63
C ASN A 326 13.58 -4.86 -14.42
N LEU A 327 12.94 -3.97 -13.67
CA LEU A 327 13.60 -3.36 -12.47
C LEU A 327 12.50 -3.04 -11.49
N VAL A 328 12.52 -3.67 -10.33
CA VAL A 328 11.36 -3.61 -9.44
C VAL A 328 11.83 -3.38 -8.04
N LEU A 329 11.30 -2.33 -7.41
CA LEU A 329 11.61 -2.08 -5.99
C LEU A 329 11.23 -3.28 -5.13
N ASP A 330 12.11 -3.68 -4.21
CA ASP A 330 11.90 -4.90 -3.41
C ASP A 330 12.30 -4.74 -1.90
N ILE A 331 11.32 -4.69 -1.02
CA ILE A 331 11.63 -4.59 0.43
C ILE A 331 11.20 -5.85 1.19
N ILE A 332 10.86 -6.93 0.47
CA ILE A 332 10.28 -8.10 1.15
C ILE A 332 11.27 -8.73 2.10
N GLY A 333 10.87 -8.93 3.36
CA GLY A 333 11.78 -9.59 4.33
C GLY A 333 12.95 -8.72 4.78
N GLN A 334 12.95 -7.45 4.41
CA GLN A 334 13.97 -6.53 4.93
C GLN A 334 13.97 -6.42 6.49
N GLU A 335 12.89 -6.88 7.13
CA GLU A 335 12.80 -6.77 8.60
C GLU A 335 13.82 -7.67 9.21
N GLU A 336 14.06 -8.80 8.54
CA GLU A 336 15.03 -9.76 9.02
C GLU A 336 16.47 -9.23 8.82
N VAL A 337 16.69 -8.55 7.71
CA VAL A 337 17.99 -7.92 7.47
C VAL A 337 18.30 -6.92 8.62
N LEU A 338 17.30 -6.10 8.95
CA LEU A 338 17.49 -5.04 9.93
C LEU A 338 17.61 -5.67 11.34
N ARG A 339 16.85 -6.74 11.57
CA ARG A 339 16.95 -7.44 12.88
C ARG A 339 18.41 -7.90 13.13
N ARG A 340 18.98 -8.59 12.16
CA ARG A 340 20.35 -9.07 12.27
C ARG A 340 21.35 -7.93 12.45
N THR A 341 21.09 -6.82 11.78
CA THR A 341 21.97 -5.66 11.86
C THR A 341 21.92 -5.07 13.24
N LEU A 342 20.71 -4.78 13.74
CA LEU A 342 20.58 -4.12 15.07
C LEU A 342 20.97 -5.01 16.24
N ASN A 343 20.76 -6.33 16.09
CA ASN A 343 21.25 -7.31 17.08
C ASN A 343 22.76 -7.16 17.37
N GLU A 344 23.52 -6.59 16.43
CA GLU A 344 24.96 -6.43 16.66
CA GLU A 344 24.98 -6.41 16.60
C GLU A 344 25.27 -5.09 17.30
N PHE A 345 24.25 -4.30 17.56
CA PHE A 345 24.47 -2.95 18.14
C PHE A 345 23.65 -2.72 19.38
N GLY A 346 23.42 -3.83 20.09
CA GLY A 346 22.85 -3.80 21.42
C GLY A 346 21.35 -3.95 21.48
N TYR A 347 20.70 -4.35 20.38
CA TYR A 347 19.23 -4.48 20.36
C TYR A 347 18.78 -5.94 20.48
N SER A 348 17.90 -6.20 21.44
CA SER A 348 17.25 -7.52 21.52
C SER A 348 16.23 -7.61 20.38
N ASP A 349 15.72 -8.81 20.11
CA ASP A 349 14.72 -8.99 19.09
C ASP A 349 13.46 -8.23 19.49
N GLU A 350 13.11 -8.24 20.77
CA GLU A 350 11.97 -7.45 21.24
C GLU A 350 12.12 -5.94 20.94
N GLU A 351 13.32 -5.41 21.12
CA GLU A 351 13.55 -3.99 20.85
C GLU A 351 13.50 -3.70 19.35
N VAL A 352 13.99 -4.66 18.56
CA VAL A 352 13.90 -4.51 17.11
C VAL A 352 12.43 -4.42 16.69
N LYS A 353 11.58 -5.28 17.26
CA LYS A 353 10.14 -5.30 16.94
C LYS A 353 9.42 -4.01 17.34
N GLU A 354 9.89 -3.34 18.41
CA GLU A 354 9.36 -2.04 18.76
C GLU A 354 9.74 -0.94 17.78
N PHE A 355 10.94 -1.04 17.19
CA PHE A 355 11.42 -0.05 16.24
C PHE A 355 10.65 -0.21 14.91
N ILE A 356 10.53 -1.45 14.41
CA ILE A 356 9.91 -1.72 13.10
C ILE A 356 8.42 -1.45 13.24
N SER A 357 7.81 -0.92 12.18
CA SER A 357 6.38 -0.67 12.13
C SER A 357 5.60 -1.95 11.97
N GLY A 358 4.27 -1.80 11.91
CA GLY A 358 3.39 -2.91 11.53
C GLY A 358 3.36 -3.15 10.03
N PRO A 359 2.61 -4.19 9.57
CA PRO A 359 2.66 -4.66 8.19
C PRO A 359 2.12 -3.68 7.15
N ALA A 360 1.34 -2.70 7.60
CA ALA A 360 0.73 -1.72 6.65
C ALA A 360 1.53 -0.43 6.53
N TYR A 361 2.71 -0.37 7.16
CA TYR A 361 3.46 0.88 7.25
C TYR A 361 4.91 0.81 6.77
N PHE A 362 5.30 -0.31 6.15
CA PHE A 362 6.69 -0.48 5.74
C PHE A 362 7.13 0.62 4.79
N ALA A 363 6.26 1.14 3.94
CA ALA A 363 6.68 2.25 3.05
C ALA A 363 7.39 3.38 3.84
N TRP A 364 6.78 3.81 4.94
CA TRP A 364 7.25 5.00 5.68
C TRP A 364 8.30 4.58 6.70
N PHE A 365 8.29 3.31 7.07
CA PHE A 365 9.38 2.80 7.87
C PHE A 365 10.70 2.85 7.06
N TYR A 366 10.69 2.30 5.84
CA TYR A 366 11.93 2.25 5.05
C TYR A 366 12.29 3.59 4.42
N MET A 367 11.32 4.49 4.23
CA MET A 367 11.67 5.90 3.84
C MET A 367 12.13 6.77 5.04
N GLN A 368 12.29 6.16 6.22
CA GLN A 368 12.85 6.82 7.45
C GLN A 368 11.93 7.92 7.97
N ASN A 369 10.62 7.72 7.82
CA ASN A 369 9.65 8.71 8.29
C ASN A 369 8.97 8.40 9.65
N MET A 370 8.92 7.11 10.05
CA MET A 370 8.10 6.66 11.19
C MET A 370 8.61 5.30 11.68
N THR A 371 8.34 5.00 12.95
CA THR A 371 8.79 3.76 13.56
C THR A 371 7.63 3.22 14.39
N GLY A 372 7.64 1.93 14.70
CA GLY A 372 6.75 1.39 15.73
C GLY A 372 5.29 1.12 15.36
N PHE A 373 4.63 2.15 14.86
CA PHE A 373 3.20 2.16 14.68
C PHE A 373 2.70 0.94 13.88
N GLY A 374 1.70 0.24 14.44
CA GLY A 374 1.06 -0.95 13.81
C GLY A 374 1.71 -2.25 14.26
N GLY A 375 2.86 -2.11 14.93
CA GLY A 375 3.60 -3.24 15.48
C GLY A 375 3.17 -3.53 16.92
N PRO A 376 3.83 -4.49 17.56
CA PRO A 376 4.96 -5.20 17.00
C PRO A 376 4.55 -6.37 16.15
N LEU A 377 5.37 -6.67 15.17
CA LEU A 377 5.19 -7.87 14.35
C LEU A 377 5.37 -9.17 15.15
N PRO A 378 4.72 -10.24 14.70
CA PRO A 378 4.89 -11.51 15.39
C PRO A 378 6.28 -12.10 15.16
N ASN A 379 6.73 -12.92 16.09
CA ASN A 379 8.08 -13.53 16.02
C ASN A 379 8.28 -14.30 14.72
N ASP A 380 7.24 -15.01 14.30
CA ASP A 380 7.39 -15.84 13.10
C ASP A 380 7.31 -15.06 11.75
N TRP A 381 7.10 -13.76 11.84
CA TRP A 381 7.15 -12.88 10.68
C TRP A 381 8.49 -13.00 9.92
N PHE A 382 9.60 -13.03 10.65
CA PHE A 382 10.92 -12.81 10.02
C PHE A 382 11.29 -13.96 9.09
N GLU A 383 11.18 -15.19 9.57
CA GLU A 383 11.43 -16.37 8.71
C GLU A 383 10.50 -16.40 7.49
N GLN A 384 9.21 -16.20 7.70
CA GLN A 384 8.24 -16.27 6.60
C GLN A 384 8.52 -15.23 5.51
N ARG A 385 8.87 -14.03 5.93
CA ARG A 385 9.13 -12.99 4.96
C ARG A 385 10.47 -13.18 4.25
N ALA A 386 11.50 -13.65 4.96
CA ALA A 386 12.79 -13.92 4.30
C ALA A 386 12.56 -15.00 3.23
N GLU A 387 11.75 -16.01 3.57
CA GLU A 387 11.42 -17.07 2.59
C GLU A 387 10.67 -16.50 1.35
N LEU A 388 9.70 -15.60 1.58
CA LEU A 388 8.94 -15.03 0.48
C LEU A 388 9.89 -14.24 -0.45
N GLY A 389 10.80 -13.46 0.15
CA GLY A 389 11.82 -12.70 -0.60
C GLY A 389 12.75 -13.60 -1.46
N ARG A 390 13.23 -14.68 -0.88
CA ARG A 390 14.03 -15.66 -1.62
C ARG A 390 13.23 -16.24 -2.78
N LYS A 391 12.00 -16.67 -2.51
CA LYS A 391 11.12 -17.14 -3.58
C LYS A 391 10.91 -16.12 -4.71
N MET A 392 10.76 -14.85 -4.35
CA MET A 392 10.66 -13.80 -5.33
C MET A 392 11.95 -13.66 -6.15
N HIS A 393 13.11 -13.75 -5.49
CA HIS A 393 14.35 -13.58 -6.23
C HIS A 393 14.61 -14.73 -7.21
N ASP A 394 14.17 -15.92 -6.84
CA ASP A 394 14.23 -17.06 -7.76
C ASP A 394 13.41 -16.77 -9.03
N ARG A 395 12.17 -16.29 -8.87
CA ARG A 395 11.31 -15.98 -10.04
C ARG A 395 11.87 -14.79 -10.85
N MET A 396 12.31 -13.75 -10.17
CA MET A 396 12.90 -12.63 -10.87
C MET A 396 14.16 -13.07 -11.64
N GLN A 397 14.99 -13.90 -11.03
CA GLN A 397 16.16 -14.39 -11.73
C GLN A 397 15.78 -15.11 -13.05
N SER A 398 14.75 -15.96 -12.97
CA SER A 398 14.30 -16.69 -14.18
C SER A 398 13.88 -15.71 -15.26
N PHE A 399 13.17 -14.65 -14.87
CA PHE A 399 12.69 -13.67 -15.87
C PHE A 399 13.74 -12.67 -16.35
N GLY A 400 14.81 -12.45 -15.59
CA GLY A 400 15.71 -11.35 -15.91
C GLY A 400 15.25 -10.01 -15.32
N ILE A 401 14.38 -10.08 -14.31
CA ILE A 401 14.03 -8.89 -13.51
C ILE A 401 15.05 -8.60 -12.39
N ASN A 402 15.65 -7.42 -12.41
CA ASN A 402 16.49 -6.95 -11.29
C ASN A 402 15.62 -6.40 -10.14
N PRO A 403 15.71 -6.98 -8.94
CA PRO A 403 15.14 -6.23 -7.81
C PRO A 403 16.04 -5.07 -7.42
N VAL A 404 15.44 -4.03 -6.82
CA VAL A 404 16.21 -2.98 -6.15
C VAL A 404 16.13 -3.29 -4.64
N LEU A 405 17.24 -3.70 -4.04
CA LEU A 405 17.27 -4.01 -2.62
C LEU A 405 17.58 -2.70 -1.83
N GLN A 406 18.07 -2.83 -0.58
CA GLN A 406 18.22 -1.63 0.28
C GLN A 406 19.65 -1.12 0.31
N GLY A 407 19.80 0.20 0.22
CA GLY A 407 21.06 0.90 0.48
C GLY A 407 21.02 1.25 1.97
N TYR A 408 22.14 1.72 2.53
CA TYR A 408 22.15 2.18 3.93
C TYR A 408 22.69 3.60 4.00
N SER A 409 21.96 4.48 4.66
CA SER A 409 22.36 5.91 4.77
C SER A 409 22.52 6.41 6.23
N GLY A 410 22.42 5.53 7.24
CA GLY A 410 22.60 5.96 8.64
C GLY A 410 21.36 5.87 9.53
N MET A 411 20.23 5.37 9.03
CA MET A 411 19.02 5.18 9.88
C MET A 411 19.31 4.33 11.12
N VAL A 412 18.97 4.86 12.31
CA VAL A 412 19.06 4.14 13.59
C VAL A 412 17.93 4.54 14.52
N PRO A 413 17.60 3.67 15.50
CA PRO A 413 16.57 4.05 16.49
C PRO A 413 17.07 5.23 17.30
N ARG A 414 16.16 5.97 17.89
CA ARG A 414 16.52 7.15 18.71
C ARG A 414 17.29 6.80 19.98
N ASP A 415 17.30 5.55 20.40
CA ASP A 415 18.10 5.20 21.57
C ASP A 415 19.44 4.59 21.20
N PHE A 416 19.87 4.78 19.94
CA PHE A 416 21.10 4.11 19.46
C PHE A 416 22.33 4.54 20.29
N LYS A 417 22.43 5.81 20.64
CA LYS A 417 23.58 6.29 21.43
C LYS A 417 23.52 5.78 22.85
N GLU A 418 22.32 5.61 23.40
CA GLU A 418 22.18 5.03 24.74
C GLU A 418 22.85 3.66 24.77
N LYS A 419 22.70 2.91 23.68
CA LYS A 419 23.22 1.56 23.60
C LYS A 419 24.65 1.51 23.01
N ASN A 420 25.06 2.59 22.36
CA ASN A 420 26.38 2.68 21.70
C ASN A 420 26.91 4.08 21.93
N GLN A 421 27.50 4.30 23.12
CA GLN A 421 27.72 5.65 23.62
C GLN A 421 28.70 6.49 22.80
N GLU A 422 29.58 5.86 22.03
CA GLU A 422 30.49 6.63 21.17
CA GLU A 422 30.49 6.64 21.18
C GLU A 422 29.91 7.00 19.80
N ALA A 423 28.73 6.50 19.48
CA ALA A 423 28.08 6.86 18.18
C ALA A 423 27.66 8.33 18.16
N GLN A 424 27.76 8.94 17.00
CA GLN A 424 27.30 10.33 16.81
C GLN A 424 26.05 10.30 15.92
N THR A 425 24.97 10.95 16.36
CA THR A 425 23.68 10.89 15.64
C THR A 425 23.09 12.30 15.50
N ILE A 426 22.21 12.45 14.51
CA ILE A 426 21.53 13.71 14.22
C ILE A 426 20.03 13.44 14.37
N SER A 427 19.38 14.14 15.31
CA SER A 427 17.93 14.00 15.43
C SER A 427 17.23 14.46 14.16
N GLN A 428 16.28 13.67 13.69
CA GLN A 428 15.62 13.99 12.41
C GLN A 428 14.29 14.66 12.57
N GLY A 429 13.83 14.77 13.81
CA GLY A 429 12.59 15.47 14.11
C GLY A 429 11.37 14.63 13.73
N GLY A 430 10.28 15.32 13.39
CA GLY A 430 8.97 14.71 13.22
C GLY A 430 8.51 14.62 11.77
N TRP A 431 7.63 13.66 11.49
CA TRP A 431 7.02 13.56 10.15
C TRP A 431 5.54 13.21 10.38
N CYS A 432 4.62 14.13 10.03
CA CYS A 432 3.17 13.86 10.20
C CYS A 432 2.84 13.42 11.61
N GLY A 433 3.48 14.05 12.60
CA GLY A 433 3.28 13.69 13.97
C GLY A 433 3.97 12.47 14.45
N PHE A 434 4.69 11.73 13.58
CA PHE A 434 5.46 10.58 14.07
C PHE A 434 6.89 11.04 14.36
N ASP A 435 7.58 10.33 15.23
CA ASP A 435 8.99 10.65 15.47
C ASP A 435 9.82 9.94 14.40
N ARG A 436 10.59 10.66 13.60
CA ARG A 436 11.48 9.99 12.63
C ARG A 436 12.62 9.31 13.38
N PRO A 437 13.17 8.22 12.80
CA PRO A 437 14.37 7.65 13.41
C PRO A 437 15.53 8.64 13.30
N ASP A 438 16.56 8.42 14.10
CA ASP A 438 17.76 9.24 14.00
C ASP A 438 18.55 8.89 12.76
N MET A 439 19.56 9.71 12.47
CA MET A 439 20.50 9.39 11.46
C MET A 439 21.90 9.51 12.06
N LEU A 440 22.72 8.49 11.82
CA LEU A 440 24.15 8.58 12.16
C LEU A 440 24.80 9.68 11.38
N LYS A 441 25.69 10.45 12.01
CA LYS A 441 26.52 11.36 11.26
C LYS A 441 27.31 10.55 10.24
N THR A 442 27.19 10.95 8.98
CA THR A 442 27.72 10.21 7.86
C THR A 442 29.29 10.23 7.89
N TYR A 443 29.84 11.28 8.47
CA TYR A 443 31.27 11.35 8.81
C TYR A 443 31.42 12.04 10.18
N VAL A 444 32.56 11.81 10.84
CA VAL A 444 32.81 12.44 12.13
C VAL A 444 34.24 13.02 12.18
N ASN A 445 34.60 13.71 13.26
CA ASN A 445 35.98 14.28 13.35
C ASN A 445 37.03 13.17 13.60
N GLU A 446 38.28 13.43 13.22
CA GLU A 446 39.37 12.54 13.70
C GLU A 446 39.26 12.39 15.22
N GLY A 447 39.50 11.18 15.73
CA GLY A 447 39.34 10.95 17.18
C GLY A 447 37.96 10.45 17.64
N GLU A 448 36.92 10.61 16.80
CA GLU A 448 35.58 10.12 17.13
C GLU A 448 35.34 8.75 16.44
N ALA A 449 34.45 7.94 17.01
CA ALA A 449 34.12 6.65 16.41
C ALA A 449 33.13 6.89 15.27
N ASP A 450 33.35 6.22 14.15
CA ASP A 450 32.52 6.37 12.96
C ASP A 450 31.51 5.18 12.91
N TYR A 451 30.39 5.32 13.60
CA TYR A 451 29.35 4.31 13.55
C TYR A 451 28.63 4.20 12.19
N PHE A 452 28.67 5.25 11.39
CA PHE A 452 28.12 5.07 10.06
C PHE A 452 28.89 3.98 9.30
N GLN A 453 30.23 4.01 9.36
CA GLN A 453 31.02 2.96 8.75
C GLN A 453 30.71 1.59 9.32
N LYS A 454 30.67 1.50 10.65
CA LYS A 454 30.47 0.24 11.36
C LYS A 454 29.11 -0.39 11.04
N VAL A 455 28.03 0.39 11.19
CA VAL A 455 26.66 -0.12 10.94
C VAL A 455 26.44 -0.43 9.46
N ALA A 456 26.93 0.45 8.57
CA ALA A 456 26.78 0.23 7.13
C ALA A 456 27.43 -1.10 6.76
N ASP A 457 28.61 -1.39 7.31
CA ASP A 457 29.32 -2.63 6.94
C ASP A 457 28.51 -3.82 7.42
N VAL A 458 27.94 -3.73 8.61
CA VAL A 458 27.09 -4.85 9.10
C VAL A 458 25.82 -4.97 8.24
N PHE A 459 25.15 -3.85 8.00
CA PHE A 459 23.94 -3.89 7.20
C PHE A 459 24.13 -4.58 5.83
N TYR A 460 25.10 -4.12 5.04
CA TYR A 460 25.28 -4.72 3.70
C TYR A 460 25.68 -6.21 3.78
N GLU A 461 26.45 -6.57 4.80
CA GLU A 461 26.84 -7.96 5.05
C GLU A 461 25.63 -8.81 5.44
N LYS A 462 24.79 -8.28 6.35
CA LYS A 462 23.58 -8.99 6.75
C LYS A 462 22.55 -9.11 5.60
N GLN A 463 22.44 -8.10 4.74
CA GLN A 463 21.57 -8.21 3.56
C GLN A 463 22.01 -9.37 2.64
N LYS A 464 23.32 -9.50 2.43
CA LYS A 464 23.92 -10.62 1.71
C LYS A 464 23.65 -11.99 2.40
N GLU A 465 23.82 -12.09 3.72
CA GLU A 465 23.53 -13.34 4.45
C GLU A 465 22.09 -13.79 4.26
N VAL A 466 21.19 -12.82 4.22
CA VAL A 466 19.78 -13.18 4.15
C VAL A 466 19.33 -13.55 2.74
N PHE A 467 19.80 -12.81 1.71
CA PHE A 467 19.32 -13.00 0.32
C PHE A 467 20.37 -13.38 -0.72
N GLY A 468 21.66 -13.25 -0.40
CA GLY A 468 22.73 -13.58 -1.36
C GLY A 468 22.92 -12.43 -2.33
N ASP A 469 23.74 -12.63 -3.37
CA ASP A 469 24.06 -11.57 -4.32
C ASP A 469 23.04 -11.56 -5.44
N VAL A 470 21.93 -10.87 -5.25
CA VAL A 470 20.86 -10.98 -6.20
C VAL A 470 20.73 -9.79 -7.11
N THR A 471 21.51 -8.73 -6.85
CA THR A 471 21.33 -7.52 -7.61
C THR A 471 22.49 -6.55 -7.42
N ASN A 472 22.61 -5.63 -8.36
CA ASN A 472 23.53 -4.51 -8.23
C ASN A 472 22.82 -3.21 -7.89
N PHE A 473 21.47 -3.23 -7.74
CA PHE A 473 20.70 -1.99 -7.52
C PHE A 473 20.19 -1.93 -6.08
N TYR A 474 20.46 -0.81 -5.42
CA TYR A 474 20.12 -0.59 -4.02
C TYR A 474 19.45 0.77 -3.85
N GLY A 475 18.34 0.83 -3.10
CA GLY A 475 17.63 2.11 -2.94
C GLY A 475 17.67 2.62 -1.50
N VAL A 476 17.94 3.91 -1.32
CA VAL A 476 17.86 4.52 0.00
C VAL A 476 17.76 6.01 -0.28
N ASP A 477 17.07 6.73 0.61
CA ASP A 477 16.63 8.11 0.38
C ASP A 477 16.69 8.87 1.72
N PRO A 478 17.92 9.20 2.18
CA PRO A 478 18.03 10.07 3.38
C PRO A 478 17.27 11.42 3.12
N PHE A 479 16.78 12.06 4.19
CA PHE A 479 16.13 13.37 4.13
C PHE A 479 14.88 13.39 3.25
N HIS A 480 14.17 12.28 3.22
CA HIS A 480 12.97 12.22 2.38
C HIS A 480 11.81 12.89 3.12
N GLN A 481 11.24 13.92 2.50
CA GLN A 481 10.17 14.74 3.04
C GLN A 481 10.54 15.29 4.44
N GLY A 482 11.82 15.56 4.66
CA GLY A 482 12.25 16.35 5.81
C GLY A 482 13.52 15.83 6.41
N GLY A 483 13.56 15.69 7.73
CA GLY A 483 14.80 15.32 8.40
C GLY A 483 15.70 16.52 8.60
N ASN A 484 16.99 16.27 8.80
CA ASN A 484 17.88 17.36 9.24
C ASN A 484 19.32 16.95 8.92
N THR A 485 20.01 17.77 8.15
CA THR A 485 21.40 17.47 7.79
C THR A 485 22.41 17.86 8.90
N GLY A 486 21.93 18.43 9.99
CA GLY A 486 22.82 18.80 11.13
C GLY A 486 23.90 19.79 10.71
N ASP A 487 25.15 19.53 11.07
CA ASP A 487 26.30 20.40 10.72
C ASP A 487 26.92 19.97 9.38
N LEU A 488 26.34 18.95 8.78
CA LEU A 488 27.08 18.21 7.74
C LEU A 488 26.97 18.83 6.34
N ASP A 489 28.01 18.63 5.54
CA ASP A 489 28.04 19.10 4.16
C ASP A 489 27.14 18.17 3.31
N ASN A 490 26.16 18.73 2.62
CA ASN A 490 25.24 17.97 1.77
C ASN A 490 25.89 17.02 0.73
N GLY A 491 26.84 17.53 -0.06
CA GLY A 491 27.52 16.69 -1.07
C GLY A 491 28.34 15.57 -0.44
N LYS A 492 29.09 15.94 0.59
CA LYS A 492 29.89 14.97 1.28
C LYS A 492 29.08 13.79 1.83
N ILE A 493 27.90 14.06 2.38
CA ILE A 493 26.99 12.99 2.83
C ILE A 493 26.75 12.00 1.65
N TYR A 494 26.37 12.51 0.48
CA TYR A 494 26.08 11.63 -0.70
C TYR A 494 27.31 10.90 -1.24
N GLU A 495 28.43 11.58 -1.28
CA GLU A 495 29.66 10.95 -1.66
C GLU A 495 29.95 9.74 -0.81
N ILE A 496 29.86 9.91 0.50
CA ILE A 496 30.26 8.86 1.43
C ILE A 496 29.25 7.68 1.44
N ILE A 497 27.96 7.99 1.37
CA ILE A 497 26.96 6.89 1.28
C ILE A 497 27.17 6.09 -0.01
N GLN A 498 27.38 6.80 -1.13
CA GLN A 498 27.63 6.13 -2.41
C GLN A 498 28.90 5.30 -2.33
N ASN A 499 29.96 5.88 -1.77
CA ASN A 499 31.23 5.16 -1.69
C ASN A 499 31.12 3.89 -0.88
N LYS A 500 30.39 3.97 0.23
CA LYS A 500 30.15 2.82 1.10
C LYS A 500 29.34 1.69 0.39
N MET A 501 28.32 2.08 -0.37
CA MET A 501 27.56 1.10 -1.13
C MET A 501 28.49 0.37 -2.13
N ILE A 502 29.35 1.13 -2.80
CA ILE A 502 30.24 0.60 -3.84
C ILE A 502 31.32 -0.29 -3.23
N GLU A 503 31.74 0.04 -2.01
CA GLU A 503 32.70 -0.80 -1.29
C GLU A 503 32.14 -2.22 -1.13
N HIS A 504 30.83 -2.34 -0.90
CA HIS A 504 30.27 -3.65 -0.74
C HIS A 504 29.79 -4.38 -2.01
N ASP A 505 29.65 -3.64 -3.10
CA ASP A 505 29.29 -4.15 -4.41
C ASP A 505 29.93 -3.22 -5.43
N ASN A 506 31.04 -3.65 -6.01
CA ASN A 506 31.77 -2.72 -6.92
C ASN A 506 30.94 -2.24 -8.06
N ASP A 507 29.88 -2.98 -8.40
CA ASP A 507 29.01 -2.62 -9.54
C ASP A 507 27.70 -1.95 -9.06
N ALA A 508 27.67 -1.50 -7.81
CA ALA A 508 26.45 -0.90 -7.22
C ALA A 508 25.88 0.26 -8.02
N VAL A 509 24.54 0.33 -8.12
CA VAL A 509 23.93 1.55 -8.62
C VAL A 509 22.93 2.00 -7.54
N TRP A 510 23.09 3.23 -7.06
CA TRP A 510 22.28 3.76 -5.98
C TRP A 510 21.07 4.38 -6.66
N VAL A 511 19.89 3.79 -6.41
CA VAL A 511 18.65 4.26 -7.00
C VAL A 511 18.02 5.27 -6.06
N ILE A 512 17.69 6.46 -6.58
CA ILE A 512 17.32 7.57 -5.69
C ILE A 512 16.03 8.19 -6.16
N GLN A 513 15.11 8.45 -5.24
CA GLN A 513 13.86 9.09 -5.61
C GLN A 513 14.08 10.59 -5.77
N ASN A 514 13.64 11.16 -6.88
CA ASN A 514 13.61 12.63 -6.96
C ASN A 514 12.22 13.15 -6.66
N TRP A 515 12.05 13.82 -5.52
CA TRP A 515 10.71 14.26 -5.08
C TRP A 515 10.77 15.61 -4.34
N GLN A 516 9.99 16.58 -4.79
CA GLN A 516 9.87 17.89 -4.17
C GLN A 516 11.25 18.51 -3.88
N GLY A 517 12.09 18.49 -4.94
CA GLY A 517 13.51 18.90 -4.88
C GLY A 517 14.45 18.24 -3.91
N ASN A 518 14.12 17.08 -3.36
CA ASN A 518 15.11 16.26 -2.68
C ASN A 518 15.48 15.17 -3.69
N PRO A 519 16.78 14.86 -3.84
CA PRO A 519 17.88 15.56 -3.23
C PRO A 519 18.19 16.81 -4.04
N SER A 520 18.52 17.89 -3.33
CA SER A 520 18.93 19.13 -3.93
C SER A 520 20.14 18.95 -4.83
N ASN A 521 20.34 19.92 -5.71
CA ASN A 521 21.55 19.88 -6.57
C ASN A 521 22.86 19.72 -5.79
N ASN A 522 23.01 20.41 -4.66
N ASN A 522 23.01 20.42 -4.67
CA ASN A 522 24.24 20.27 -3.85
CA ASN A 522 24.21 20.28 -3.83
C ASN A 522 24.44 18.85 -3.29
C ASN A 522 24.43 18.85 -3.34
N LYS A 523 23.36 18.16 -2.97
CA LYS A 523 23.44 16.75 -2.60
C LYS A 523 23.88 15.91 -3.81
N LEU A 524 23.21 16.14 -4.96
CA LEU A 524 23.45 15.29 -6.14
C LEU A 524 24.85 15.47 -6.69
N GLU A 525 25.38 16.68 -6.53
CA GLU A 525 26.75 16.95 -6.94
C GLU A 525 27.80 16.20 -6.08
N GLY A 526 27.42 15.64 -4.95
CA GLY A 526 28.32 14.85 -4.13
C GLY A 526 28.55 13.46 -4.70
N LEU A 527 27.74 13.03 -5.64
CA LEU A 527 27.91 11.70 -6.15
C LEU A 527 29.08 11.68 -7.14
N THR A 528 30.20 11.16 -6.69
CA THR A 528 31.41 11.22 -7.49
C THR A 528 31.43 10.21 -8.65
N LYS A 529 30.60 9.18 -8.53
N LYS A 529 30.67 9.12 -8.51
CA LYS A 529 30.52 8.13 -9.53
CA LYS A 529 30.54 8.12 -9.57
C LYS A 529 29.14 8.21 -10.17
C LYS A 529 29.14 8.22 -10.17
N LYS A 530 29.00 9.10 -11.17
CA LYS A 530 27.67 9.43 -11.71
C LYS A 530 26.98 8.22 -12.36
N ASP A 531 27.77 7.37 -13.01
CA ASP A 531 27.22 6.15 -13.65
C ASP A 531 26.77 5.11 -12.64
N GLN A 532 27.08 5.33 -11.38
CA GLN A 532 26.67 4.39 -10.36
C GLN A 532 25.59 5.01 -9.44
N ALA A 533 24.80 5.89 -10.02
CA ALA A 533 23.58 6.38 -9.38
C ALA A 533 22.55 6.43 -10.49
N MET A 534 21.28 6.39 -10.12
CA MET A 534 20.20 6.42 -11.10
C MET A 534 19.00 7.04 -10.41
N VAL A 535 18.56 8.17 -10.91
CA VAL A 535 17.56 8.94 -10.21
C VAL A 535 16.20 8.69 -10.83
N LEU A 536 15.20 8.34 -10.01
CA LEU A 536 13.82 8.22 -10.47
C LEU A 536 13.16 9.59 -10.48
N ASP A 537 12.91 10.14 -11.66
CA ASP A 537 12.08 11.36 -11.72
C ASP A 537 10.68 10.91 -11.37
N LEU A 538 10.22 11.19 -10.14
CA LEU A 538 9.07 10.45 -9.60
C LEU A 538 7.74 10.73 -10.27
N PHE A 539 7.55 11.95 -10.73
CA PHE A 539 6.25 12.51 -11.11
C PHE A 539 6.29 13.10 -12.52
N SER A 540 6.90 12.39 -13.45
CA SER A 540 7.18 12.97 -14.79
C SER A 540 5.96 13.32 -15.65
N GLU A 541 4.80 12.70 -15.37
CA GLU A 541 3.61 12.98 -16.18
C GLU A 541 2.82 14.20 -15.68
N VAL A 542 3.22 14.79 -14.53
CA VAL A 542 2.54 15.99 -14.00
C VAL A 542 3.51 17.12 -13.68
N SER A 543 4.60 16.79 -12.98
CA SER A 543 5.60 17.78 -12.57
C SER A 543 7.04 17.22 -12.82
N PRO A 544 7.41 17.05 -14.10
CA PRO A 544 8.72 16.48 -14.44
C PRO A 544 9.85 17.37 -13.93
N ASP A 545 10.98 16.78 -13.55
CA ASP A 545 12.03 17.57 -12.92
C ASP A 545 13.34 16.89 -13.24
N TRP A 546 13.39 16.39 -14.46
CA TRP A 546 14.58 15.71 -14.90
C TRP A 546 15.64 16.60 -15.55
N ASN A 547 15.30 17.83 -15.92
CA ASN A 547 16.34 18.71 -16.52
C ASN A 547 17.59 18.85 -15.66
N ARG A 548 17.42 18.99 -14.34
CA ARG A 548 18.57 19.22 -13.45
C ARG A 548 19.38 17.96 -13.30
N LEU A 549 18.74 16.79 -13.55
CA LEU A 549 19.46 15.51 -13.53
C LEU A 549 20.28 15.37 -14.81
N GLU A 550 19.60 15.61 -15.93
CA GLU A 550 20.21 15.51 -17.24
C GLU A 550 21.41 16.44 -17.31
N GLU A 551 21.27 17.68 -16.83
CA GLU A 551 22.38 18.63 -16.85
C GLU A 551 23.57 18.21 -16.01
N ARG A 552 23.37 17.31 -15.06
CA ARG A 552 24.45 16.85 -14.20
C ARG A 552 24.94 15.49 -14.64
N ASP A 553 24.53 15.07 -15.84
CA ASP A 553 24.93 13.78 -16.38
C ASP A 553 24.58 12.62 -15.46
N LEU A 554 23.45 12.70 -14.75
CA LEU A 554 23.00 11.59 -13.89
C LEU A 554 22.01 10.72 -14.68
N PRO A 555 22.27 9.38 -14.74
CA PRO A 555 21.29 8.45 -15.29
C PRO A 555 19.96 8.65 -14.58
N TRP A 556 18.88 8.76 -15.34
CA TRP A 556 17.60 8.98 -14.70
C TRP A 556 16.49 8.23 -15.43
N ILE A 557 15.38 8.07 -14.73
CA ILE A 557 14.25 7.30 -15.26
C ILE A 557 13.03 8.21 -15.22
N TRP A 558 12.27 8.21 -16.34
CA TRP A 558 11.04 8.99 -16.48
C TRP A 558 9.88 8.14 -15.93
N ASN A 559 9.15 8.66 -14.95
CA ASN A 559 8.13 7.87 -14.30
C ASN A 559 6.75 8.51 -14.30
N MET A 560 5.74 7.67 -14.50
CA MET A 560 4.35 8.07 -14.30
C MET A 560 3.98 7.66 -12.85
N LEU A 561 3.60 8.65 -12.04
CA LEU A 561 3.28 8.44 -10.63
C LEU A 561 1.80 8.06 -10.57
N HIS A 562 0.95 8.98 -11.04
CA HIS A 562 -0.49 8.77 -11.28
C HIS A 562 -1.37 8.62 -10.03
N ASN A 563 -1.05 7.66 -9.18
CA ASN A 563 -1.92 7.28 -8.09
C ASN A 563 -1.30 7.69 -6.76
N PHE A 564 -2.07 8.45 -5.97
CA PHE A 564 -1.66 8.84 -4.64
C PHE A 564 -2.56 8.17 -3.63
N GLY A 565 -1.98 7.45 -2.67
CA GLY A 565 -2.77 6.92 -1.54
C GLY A 565 -3.78 5.83 -1.92
N GLY A 566 -3.83 5.36 -3.17
CA GLY A 566 -4.96 4.45 -3.52
C GLY A 566 -6.29 5.16 -3.72
N ARG A 567 -6.26 6.50 -3.73
CA ARG A 567 -7.45 7.29 -3.97
C ARG A 567 -7.96 7.12 -5.40
N MET A 568 -9.28 7.02 -5.51
CA MET A 568 -9.92 6.48 -6.71
C MET A 568 -10.64 7.57 -7.48
N GLY A 569 -10.93 7.28 -8.74
CA GLY A 569 -11.58 8.24 -9.62
C GLY A 569 -11.01 8.10 -11.02
N MET A 570 -11.69 8.68 -12.00
CA MET A 570 -11.25 8.57 -13.38
C MET A 570 -10.24 9.71 -13.58
N ASP A 571 -9.02 9.34 -13.86
CA ASP A 571 -7.91 10.25 -13.93
C ASP A 571 -6.79 9.52 -14.66
N ALA A 572 -6.26 10.12 -15.73
CA ALA A 572 -5.12 9.57 -16.45
C ALA A 572 -4.61 10.64 -17.40
N ALA A 573 -3.34 10.53 -17.83
CA ALA A 573 -2.71 11.49 -18.72
C ALA A 573 -2.23 10.85 -20.04
N PRO A 574 -3.15 10.22 -20.80
CA PRO A 574 -2.70 9.43 -21.92
C PRO A 574 -2.03 10.26 -23.04
N GLU A 575 -2.54 11.45 -23.36
CA GLU A 575 -1.85 12.30 -24.36
C GLU A 575 -0.40 12.62 -23.96
N LYS A 576 -0.14 12.88 -22.69
CA LYS A 576 1.23 13.19 -22.27
C LYS A 576 2.09 11.97 -22.40
N LEU A 577 1.54 10.79 -22.05
CA LEU A 577 2.34 9.59 -22.09
C LEU A 577 2.76 9.27 -23.55
N ALA A 578 1.85 9.46 -24.50
CA ALA A 578 2.06 9.14 -25.92
C ALA A 578 3.05 10.08 -26.61
N THR A 579 3.28 11.23 -25.98
CA THR A 579 4.07 12.31 -26.60
C THR A 579 5.33 12.71 -25.82
N GLU A 580 5.18 12.93 -24.51
CA GLU A 580 6.29 13.44 -23.67
C GLU A 580 7.39 12.42 -23.48
N ILE A 581 7.05 11.16 -23.48
CA ILE A 581 8.08 10.17 -23.25
C ILE A 581 9.11 10.10 -24.44
N PRO A 582 8.64 9.84 -25.68
CA PRO A 582 9.61 9.85 -26.79
C PRO A 582 10.23 11.21 -26.99
N LYS A 583 9.52 12.29 -26.70
CA LYS A 583 10.15 13.63 -26.76
C LYS A 583 11.36 13.72 -25.79
N ALA A 584 11.17 13.24 -24.57
CA ALA A 584 12.24 13.22 -23.54
C ALA A 584 13.42 12.40 -24.03
N LEU A 585 13.14 11.23 -24.61
CA LEU A 585 14.20 10.41 -25.19
C LEU A 585 14.97 11.20 -26.27
N ALA A 586 14.23 11.88 -27.15
CA ALA A 586 14.87 12.62 -28.27
C ALA A 586 15.73 13.78 -27.78
N ASN A 587 15.38 14.33 -26.61
CA ASN A 587 15.98 15.51 -26.03
C ASN A 587 16.87 15.27 -24.79
N SER A 588 17.52 14.12 -24.71
CA SER A 588 18.41 13.83 -23.57
C SER A 588 19.50 12.82 -23.92
N GLU A 589 20.48 12.67 -23.05
CA GLU A 589 21.55 11.69 -23.22
C GLU A 589 21.60 10.73 -22.06
N HIS A 590 20.90 11.04 -20.97
CA HIS A 590 21.02 10.20 -19.78
C HIS A 590 19.70 9.54 -19.31
N MET A 591 18.70 9.55 -20.19
CA MET A 591 17.44 8.90 -19.88
C MET A 591 17.68 7.44 -20.07
N VAL A 592 17.78 6.69 -18.98
CA VAL A 592 18.06 5.26 -19.11
C VAL A 592 16.82 4.36 -18.94
N GLY A 593 15.65 4.95 -18.74
CA GLY A 593 14.46 4.11 -18.57
C GLY A 593 13.18 4.90 -18.42
N ILE A 594 12.07 4.16 -18.36
CA ILE A 594 10.81 4.72 -18.00
C ILE A 594 10.23 3.76 -16.94
N GLY A 595 9.15 4.17 -16.27
CA GLY A 595 8.68 3.34 -15.18
C GLY A 595 7.40 3.87 -14.58
N ILE A 596 6.89 3.13 -13.60
CA ILE A 596 5.72 3.56 -12.81
C ILE A 596 6.07 3.66 -11.33
N THR A 597 5.68 4.79 -10.74
CA THR A 597 5.94 5.02 -9.32
C THR A 597 4.62 5.25 -8.55
N PRO A 598 3.53 4.46 -8.84
CA PRO A 598 2.25 4.74 -8.17
C PRO A 598 2.27 4.36 -6.71
N GLN A 599 1.55 5.10 -5.89
CA GLN A 599 1.49 4.80 -4.44
C GLN A 599 0.61 3.61 -4.17
N ALA A 600 -0.27 3.32 -5.14
CA ALA A 600 -1.07 2.09 -5.15
C ALA A 600 -1.35 1.68 -6.60
N ILE A 601 -1.55 0.38 -6.85
CA ILE A 601 -1.95 -0.10 -8.18
CA ILE A 601 -1.98 -0.08 -8.18
C ILE A 601 -3.38 -0.65 -8.04
N ASN A 602 -4.37 0.25 -8.09
CA ASN A 602 -5.77 -0.12 -7.96
C ASN A 602 -6.71 0.58 -8.93
N THR A 603 -6.20 1.48 -9.77
CA THR A 603 -7.10 2.34 -10.59
C THR A 603 -6.57 2.60 -12.02
N ASN A 604 -7.49 2.82 -12.94
CA ASN A 604 -7.20 3.42 -14.24
C ASN A 604 -6.21 2.58 -15.04
N PRO A 605 -6.57 1.29 -15.31
CA PRO A 605 -5.67 0.42 -16.08
C PRO A 605 -5.13 1.02 -17.37
N LEU A 606 -5.91 1.88 -18.05
CA LEU A 606 -5.48 2.47 -19.33
C LEU A 606 -4.10 3.12 -19.19
N ALA A 607 -3.92 3.86 -18.09
CA ALA A 607 -2.66 4.60 -17.85
C ALA A 607 -1.46 3.70 -17.83
N TYR A 608 -1.60 2.53 -17.19
CA TYR A 608 -0.46 1.66 -16.93
C TYR A 608 -0.10 0.89 -18.20
N GLU A 609 -1.12 0.45 -18.92
CA GLU A 609 -0.86 -0.22 -20.18
C GLU A 609 -0.20 0.67 -21.22
N LEU A 610 -0.67 1.90 -21.32
CA LEU A 610 -0.08 2.86 -22.26
C LEU A 610 1.37 3.22 -21.87
N LEU A 611 1.59 3.50 -20.58
CA LEU A 611 2.96 3.79 -20.13
C LEU A 611 3.92 2.68 -20.60
N PHE A 612 3.58 1.42 -20.33
CA PHE A 612 4.54 0.35 -20.61
C PHE A 612 4.70 0.11 -22.12
N ASP A 613 3.61 0.32 -22.87
CA ASP A 613 3.67 0.34 -24.36
C ASP A 613 4.68 1.39 -24.91
N MET A 614 4.86 2.51 -24.23
CA MET A 614 5.79 3.55 -24.67
C MET A 614 7.28 3.21 -24.54
N ALA A 615 7.57 2.12 -23.85
CA ALA A 615 8.94 1.62 -23.84
C ALA A 615 9.39 1.09 -25.23
N TRP A 616 8.43 0.73 -26.07
CA TRP A 616 8.73 -0.07 -27.28
C TRP A 616 8.64 0.75 -28.55
N THR A 617 8.79 2.06 -28.43
CA THR A 617 8.76 2.96 -29.55
C THR A 617 9.68 4.12 -29.27
N ARG A 618 10.26 4.70 -30.33
CA ARG A 618 11.07 5.90 -30.20
C ARG A 618 10.25 7.08 -30.75
N ASP A 619 9.04 6.80 -31.19
CA ASP A 619 8.22 7.83 -31.82
C ASP A 619 7.01 8.19 -30.97
N GLN A 620 6.53 9.43 -31.09
CA GLN A 620 5.25 9.78 -30.48
C GLN A 620 4.15 8.98 -31.16
N ILE A 621 3.12 8.63 -30.40
CA ILE A 621 2.01 7.94 -31.01
C ILE A 621 0.71 8.71 -30.79
N ASN A 622 -0.32 8.27 -31.46
CA ASN A 622 -1.63 8.90 -31.35
C ASN A 622 -2.43 8.25 -30.20
N PHE A 623 -2.64 8.99 -29.11
CA PHE A 623 -3.26 8.42 -27.90
C PHE A 623 -4.73 8.05 -28.13
N ARG A 624 -5.39 8.72 -29.08
CA ARG A 624 -6.79 8.38 -29.40
C ARG A 624 -6.93 7.08 -30.13
N THR A 625 -6.20 6.90 -31.21
CA THR A 625 -6.30 5.62 -31.91
C THR A 625 -5.74 4.50 -31.05
N TRP A 626 -4.76 4.82 -30.21
CA TRP A 626 -4.23 3.81 -29.28
C TRP A 626 -5.41 3.34 -28.38
N THR A 627 -6.19 4.29 -27.87
CA THR A 627 -7.33 3.97 -26.99
C THR A 627 -8.43 3.15 -27.70
N GLU A 628 -8.72 3.51 -28.95
CA GLU A 628 -9.68 2.76 -29.73
C GLU A 628 -9.29 1.28 -29.78
N ASP A 629 -8.03 0.98 -30.03
CA ASP A 629 -7.59 -0.42 -30.10
C ASP A 629 -7.59 -1.06 -28.72
N TYR A 630 -7.11 -0.31 -27.74
CA TYR A 630 -7.12 -0.72 -26.34
C TYR A 630 -8.49 -1.23 -25.84
N ILE A 631 -9.55 -0.46 -26.07
CA ILE A 631 -10.85 -0.83 -25.51
C ILE A 631 -11.42 -2.04 -26.24
N GLU A 632 -11.05 -2.22 -27.51
CA GLU A 632 -11.57 -3.40 -28.20
C GLU A 632 -10.99 -4.70 -27.61
N ARG A 633 -9.68 -4.72 -27.34
CA ARG A 633 -9.07 -5.92 -26.77
C ARG A 633 -9.44 -6.07 -25.30
N ARG A 634 -9.64 -4.95 -24.60
CA ARG A 634 -10.07 -5.03 -23.20
C ARG A 634 -11.46 -5.62 -23.04
N TYR A 635 -12.38 -5.32 -23.96
CA TYR A 635 -13.78 -5.80 -23.85
C TYR A 635 -14.05 -7.03 -24.71
N GLY A 636 -13.15 -7.32 -25.63
CA GLY A 636 -13.30 -8.50 -26.52
C GLY A 636 -14.16 -8.15 -27.72
N LYS A 637 -14.61 -6.92 -27.77
CA LYS A 637 -15.43 -6.36 -28.84
C LYS A 637 -15.58 -4.85 -28.69
N THR A 638 -16.13 -4.19 -29.69
CA THR A 638 -16.34 -2.77 -29.67
C THR A 638 -17.47 -2.43 -30.67
N ASN A 639 -17.97 -1.20 -30.61
CA ASN A 639 -18.92 -0.65 -31.61
C ASN A 639 -18.79 0.84 -31.54
N LYS A 640 -19.48 1.53 -32.45
CA LYS A 640 -19.33 2.98 -32.57
C LYS A 640 -19.73 3.73 -31.31
N GLU A 641 -20.72 3.23 -30.58
CA GLU A 641 -21.21 3.89 -29.39
C GLU A 641 -20.18 3.76 -28.24
N ILE A 642 -19.70 2.55 -27.98
CA ILE A 642 -18.65 2.36 -26.99
C ILE A 642 -17.40 3.22 -27.28
N LEU A 643 -17.02 3.31 -28.55
CA LEU A 643 -15.94 4.17 -28.99
C LEU A 643 -16.27 5.65 -28.73
N GLU A 644 -17.52 6.05 -28.99
CA GLU A 644 -18.04 7.37 -28.68
CA GLU A 644 -17.95 7.40 -28.69
C GLU A 644 -17.91 7.67 -27.19
N ALA A 645 -18.36 6.72 -26.36
CA ALA A 645 -18.25 6.96 -24.89
C ALA A 645 -16.79 7.16 -24.43
N TRP A 646 -15.86 6.39 -24.98
CA TRP A 646 -14.42 6.53 -24.61
C TRP A 646 -13.79 7.81 -25.16
N ASN A 647 -14.27 8.26 -26.34
CA ASN A 647 -13.84 9.56 -26.83
C ASN A 647 -14.31 10.65 -25.93
N ILE A 648 -15.54 10.54 -25.40
CA ILE A 648 -16.02 11.43 -24.36
C ILE A 648 -15.14 11.37 -23.05
N ILE A 649 -14.76 10.17 -22.62
CA ILE A 649 -13.87 10.05 -21.46
C ILE A 649 -12.55 10.73 -21.78
N LEU A 650 -11.98 10.49 -22.97
CA LEU A 650 -10.72 11.18 -23.35
C LEU A 650 -10.84 12.71 -23.38
N ASP A 651 -12.03 13.21 -23.72
CA ASP A 651 -12.31 14.65 -23.82
C ASP A 651 -12.69 15.28 -22.48
N THR A 652 -12.88 14.46 -21.45
CA THR A 652 -13.31 14.97 -20.17
C THR A 652 -12.31 14.52 -19.06
N ALA A 653 -12.58 13.41 -18.41
CA ALA A 653 -11.78 12.93 -17.28
C ALA A 653 -10.32 12.61 -17.64
N TYR A 654 -10.07 12.14 -18.87
CA TYR A 654 -8.73 11.77 -19.29
C TYR A 654 -8.07 12.88 -20.14
N LYS A 655 -8.70 14.05 -20.24
CA LYS A 655 -8.17 15.11 -21.10
C LYS A 655 -6.90 15.72 -20.49
N LYS A 656 -5.92 16.03 -21.34
CA LYS A 656 -4.65 16.62 -20.91
C LYS A 656 -4.88 17.78 -19.96
N ARG A 657 -4.07 17.89 -18.90
CA ARG A 657 -4.12 19.01 -17.94
C ARG A 657 -2.72 19.56 -17.80
N ASN A 658 -2.63 20.85 -17.50
CA ASN A 658 -1.36 21.53 -17.44
C ASN A 658 -1.11 22.06 -16.03
N ASP A 659 -1.98 21.73 -15.09
CA ASP A 659 -1.84 22.23 -13.73
C ASP A 659 -1.14 21.19 -12.82
N TYR A 660 -0.94 21.51 -11.54
CA TYR A 660 -0.30 20.60 -10.61
C TYR A 660 -1.40 19.97 -9.74
N TYR A 661 -1.45 18.65 -9.60
CA TYR A 661 -2.51 18.04 -8.78
C TYR A 661 -2.01 16.67 -8.36
N GLN A 662 -2.48 16.15 -7.22
CA GLN A 662 -2.03 14.84 -6.75
C GLN A 662 -3.17 13.80 -6.75
N GLY A 663 -3.16 12.94 -7.78
CA GLY A 663 -4.13 11.81 -7.84
C GLY A 663 -5.48 12.25 -8.37
N ALA A 664 -6.49 11.38 -8.24
CA ALA A 664 -7.76 11.63 -8.87
C ALA A 664 -8.50 12.65 -8.05
N ALA A 665 -9.28 13.49 -8.70
CA ALA A 665 -10.18 14.40 -7.93
C ALA A 665 -10.98 13.61 -6.91
N GLU A 666 -11.00 14.11 -5.67
CA GLU A 666 -11.61 13.37 -4.60
C GLU A 666 -13.13 13.56 -4.49
N SER A 667 -13.77 12.48 -4.10
CA SER A 667 -15.22 12.44 -3.88
C SER A 667 -15.49 13.12 -2.54
N ILE A 668 -16.41 14.08 -2.53
CA ILE A 668 -16.89 14.74 -1.28
C ILE A 668 -17.49 13.72 -0.31
N ILE A 669 -18.00 12.62 -0.86
CA ILE A 669 -18.58 11.57 -0.01
C ILE A 669 -17.55 11.11 1.03
N ASN A 670 -16.30 11.07 0.61
CA ASN A 670 -15.17 10.56 1.44
C ASN A 670 -14.47 11.62 2.30
N ALA A 671 -14.97 12.86 2.27
CA ALA A 671 -14.39 13.95 3.10
C ALA A 671 -15.05 14.04 4.47
N ARG A 672 -14.30 14.40 5.51
CA ARG A 672 -14.95 14.81 6.77
C ARG A 672 -15.95 15.91 6.49
N PRO A 673 -17.19 15.76 6.98
CA PRO A 673 -18.23 16.72 6.68
C PRO A 673 -17.88 18.11 7.28
N GLY A 674 -18.29 19.15 6.57
CA GLY A 674 -17.97 20.54 6.94
C GLY A 674 -18.38 21.43 5.78
N PHE A 675 -18.20 22.73 5.96
CA PHE A 675 -18.46 23.75 4.92
C PHE A 675 -17.16 24.09 4.21
N GLY A 676 -17.24 24.52 2.96
CA GLY A 676 -16.06 24.99 2.26
C GLY A 676 -15.09 23.87 1.89
N ILE A 677 -15.58 22.63 1.83
CA ILE A 677 -14.71 21.48 1.52
C ILE A 677 -14.20 21.57 0.10
N LYS A 678 -12.89 21.38 -0.05
CA LYS A 678 -12.21 21.46 -1.36
C LYS A 678 -11.31 20.25 -1.60
N SER A 679 -11.37 19.25 -0.74
CA SER A 679 -10.49 18.08 -0.83
C SER A 679 -10.99 17.16 0.28
N ALA A 680 -10.73 15.86 0.17
CA ALA A 680 -10.92 14.94 1.31
C ALA A 680 -9.58 14.75 2.06
N SER A 681 -8.46 14.95 1.38
CA SER A 681 -7.15 14.75 2.04
C SER A 681 -6.35 16.02 1.98
N THR A 682 -5.35 16.15 2.83
CA THR A 682 -4.64 17.45 2.96
C THR A 682 -4.02 17.98 1.67
N TRP A 683 -3.44 17.09 0.86
CA TRP A 683 -2.73 17.50 -0.34
C TRP A 683 -3.55 17.12 -1.58
N GLY A 684 -4.83 16.82 -1.35
CA GLY A 684 -5.75 16.36 -2.40
C GLY A 684 -6.48 17.54 -3.04
N HIS A 685 -7.45 17.24 -3.90
CA HIS A 685 -8.21 18.25 -4.63
C HIS A 685 -9.52 17.60 -4.99
N SER A 686 -10.62 18.34 -4.85
CA SER A 686 -11.90 17.84 -5.31
C SER A 686 -12.44 18.53 -6.58
N LYS A 687 -11.71 19.54 -7.08
CA LYS A 687 -12.20 20.28 -8.22
C LYS A 687 -12.23 19.38 -9.44
N ILE A 688 -13.41 19.32 -10.07
CA ILE A 688 -13.59 18.60 -11.33
C ILE A 688 -13.38 19.58 -12.48
N VAL A 689 -12.37 19.34 -13.30
CA VAL A 689 -12.00 20.34 -14.30
C VAL A 689 -12.71 20.15 -15.64
N TYR A 690 -13.52 19.11 -15.77
CA TYR A 690 -14.24 18.88 -17.01
C TYR A 690 -15.74 19.11 -16.82
N ASP A 691 -16.47 19.17 -17.94
CA ASP A 691 -17.92 19.34 -17.86
C ASP A 691 -18.61 18.05 -17.37
N LYS A 692 -19.22 18.12 -16.20
CA LYS A 692 -19.94 16.97 -15.58
C LYS A 692 -21.06 16.35 -16.44
N SER A 693 -21.90 17.19 -17.04
N SER A 693 -21.90 17.21 -17.03
CA SER A 693 -23.01 16.67 -17.86
CA SER A 693 -23.01 16.72 -17.85
C SER A 693 -22.49 15.98 -19.11
C SER A 693 -22.50 16.01 -19.10
N GLU A 694 -21.36 16.48 -19.64
CA GLU A 694 -20.74 15.85 -20.82
C GLU A 694 -20.26 14.43 -20.46
N PHE A 695 -19.52 14.34 -19.36
CA PHE A 695 -19.12 13.05 -18.82
C PHE A 695 -20.30 12.12 -18.60
N GLU A 696 -21.43 12.63 -18.11
CA GLU A 696 -22.62 11.75 -17.91
C GLU A 696 -23.07 10.98 -19.18
N LYS A 697 -22.77 11.53 -20.33
CA LYS A 697 -23.11 10.91 -21.60
C LYS A 697 -22.41 9.55 -21.80
N ALA A 698 -21.15 9.45 -21.36
CA ALA A 698 -20.43 8.16 -21.37
C ALA A 698 -21.22 7.12 -20.58
N ILE A 699 -21.76 7.52 -19.42
CA ILE A 699 -22.56 6.59 -18.60
C ILE A 699 -23.87 6.21 -19.33
N GLU A 700 -24.56 7.17 -19.94
CA GLU A 700 -25.75 6.84 -20.74
C GLU A 700 -25.41 5.82 -21.82
N ILE A 701 -24.31 6.06 -22.53
CA ILE A 701 -23.88 5.12 -23.57
C ILE A 701 -23.52 3.71 -23.06
N PHE A 702 -22.78 3.62 -21.94
CA PHE A 702 -22.54 2.32 -21.31
C PHE A 702 -23.83 1.62 -20.90
N ALA A 703 -24.79 2.36 -20.31
CA ALA A 703 -26.08 1.75 -19.92
C ALA A 703 -26.80 1.18 -21.14
N LYS A 704 -26.82 1.97 -22.22
CA LYS A 704 -27.48 1.54 -23.46
C LYS A 704 -26.88 0.24 -23.99
N ASN A 705 -25.57 0.05 -23.79
CA ASN A 705 -24.85 -1.12 -24.28
C ASN A 705 -24.60 -2.24 -23.28
N TYR A 706 -25.14 -2.07 -22.06
CA TYR A 706 -24.88 -2.98 -20.96
C TYR A 706 -25.15 -4.46 -21.31
N ASP A 707 -26.33 -4.75 -21.76
CA ASP A 707 -26.73 -6.11 -21.99
C ASP A 707 -25.82 -6.80 -22.97
N GLU A 708 -25.41 -6.07 -23.97
CA GLU A 708 -24.51 -6.62 -24.97
C GLU A 708 -23.07 -6.83 -24.48
N PHE A 709 -22.62 -5.99 -23.54
CA PHE A 709 -21.20 -6.05 -23.06
C PHE A 709 -21.01 -6.67 -21.69
N LYS A 710 -22.09 -7.03 -21.00
CA LYS A 710 -22.04 -7.54 -19.63
C LYS A 710 -21.22 -8.81 -19.47
N ASP A 711 -20.96 -9.53 -20.58
CA ASP A 711 -20.14 -10.75 -20.48
C ASP A 711 -18.62 -10.47 -20.45
N SER A 712 -18.22 -9.19 -20.57
CA SER A 712 -16.83 -8.74 -20.34
C SER A 712 -16.67 -8.18 -18.91
N ASP A 713 -15.94 -8.90 -18.08
CA ASP A 713 -15.69 -8.42 -16.70
C ASP A 713 -14.96 -7.09 -16.71
N ALA A 714 -14.11 -6.88 -17.73
CA ALA A 714 -13.39 -5.59 -17.80
C ALA A 714 -14.33 -4.44 -18.16
N PHE A 715 -15.35 -4.74 -18.98
CA PHE A 715 -16.41 -3.77 -19.26
C PHE A 715 -17.13 -3.43 -17.99
N LEU A 716 -17.46 -4.44 -17.19
CA LEU A 716 -18.15 -4.17 -15.92
C LEU A 716 -17.29 -3.30 -14.97
N TYR A 717 -16.01 -3.63 -14.93
CA TYR A 717 -15.03 -2.89 -14.16
C TYR A 717 -15.04 -1.41 -14.56
N ASP A 718 -14.91 -1.12 -15.84
CA ASP A 718 -14.92 0.23 -16.33
C ASP A 718 -16.26 0.93 -16.08
N PHE A 719 -17.37 0.26 -16.29
CA PHE A 719 -18.70 0.82 -16.07
C PHE A 719 -18.86 1.21 -14.59
N ALA A 720 -18.44 0.37 -13.67
CA ALA A 720 -18.45 0.74 -12.27
C ALA A 720 -17.58 1.98 -11.98
N ASP A 721 -16.41 2.02 -12.58
CA ASP A 721 -15.58 3.22 -12.42
C ASP A 721 -16.23 4.50 -12.90
N ILE A 722 -16.85 4.46 -14.07
CA ILE A 722 -17.38 5.71 -14.58
C ILE A 722 -18.67 6.07 -13.88
N LEU A 723 -19.43 5.04 -13.47
CA LEU A 723 -20.67 5.31 -12.78
C LEU A 723 -20.41 5.87 -11.39
N LYS A 724 -19.42 5.34 -10.70
CA LYS A 724 -19.16 5.85 -9.33
C LYS A 724 -18.58 7.28 -9.44
N GLN A 725 -17.95 7.58 -10.58
CA GLN A 725 -17.40 8.90 -10.85
C GLN A 725 -18.54 9.87 -11.07
N LEU A 726 -19.57 9.44 -11.79
CA LEU A 726 -20.77 10.25 -12.03
C LEU A 726 -21.40 10.62 -10.70
N LEU A 727 -21.57 9.65 -9.82
CA LEU A 727 -22.22 9.90 -8.55
C LEU A 727 -21.37 10.76 -7.62
N ALA A 728 -20.06 10.54 -7.57
CA ALA A 728 -19.16 11.46 -6.84
C ALA A 728 -19.33 12.90 -7.37
N ASN A 729 -19.33 13.04 -8.69
CA ASN A 729 -19.53 14.34 -9.34
C ASN A 729 -20.85 15.00 -9.01
N SER A 730 -21.95 14.23 -9.02
CA SER A 730 -23.22 14.87 -8.71
C SER A 730 -23.34 15.12 -7.18
N ALA A 731 -22.77 14.25 -6.35
CA ALA A 731 -22.80 14.45 -4.90
C ALA A 731 -22.23 15.85 -4.55
N GLN A 732 -21.17 16.25 -5.27
CA GLN A 732 -20.54 17.55 -4.97
C GLN A 732 -21.54 18.66 -5.23
N GLU A 733 -22.27 18.57 -6.34
CA GLU A 733 -23.28 19.60 -6.64
C GLU A 733 -24.39 19.61 -5.59
N TYR A 734 -24.87 18.42 -5.18
CA TYR A 734 -25.91 18.37 -4.12
C TYR A 734 -25.41 18.90 -2.75
N TYR A 735 -24.14 18.61 -2.44
CA TYR A 735 -23.51 19.18 -1.25
C TYR A 735 -23.56 20.72 -1.25
N GLU A 736 -23.17 21.36 -2.36
CA GLU A 736 -23.23 22.85 -2.43
C GLU A 736 -24.66 23.36 -2.15
N VAL A 737 -25.66 22.73 -2.77
CA VAL A 737 -27.07 23.14 -2.59
C VAL A 737 -27.50 22.96 -1.14
N MET A 738 -27.04 21.88 -0.53
CA MET A 738 -27.36 21.56 0.88
C MET A 738 -26.75 22.61 1.84
N CYS A 739 -25.48 22.96 1.61
CA CYS A 739 -24.84 23.99 2.40
C CYS A 739 -25.54 25.36 2.21
N ASN A 740 -26.00 25.64 0.99
CA ASN A 740 -26.72 26.90 0.73
C ASN A 740 -28.00 26.96 1.52
N ALA A 741 -28.78 25.87 1.48
CA ALA A 741 -30.01 25.76 2.23
C ALA A 741 -29.82 26.00 3.74
N TYR A 742 -28.78 25.38 4.33
CA TYR A 742 -28.47 25.65 5.74
C TYR A 742 -28.11 27.13 5.97
N ASN A 743 -27.29 27.69 5.09
CA ASN A 743 -26.81 29.04 5.28
C ASN A 743 -27.93 30.05 5.11
N ASN A 744 -28.96 29.68 4.36
CA ASN A 744 -30.13 30.53 4.20
C ASN A 744 -31.21 30.29 5.25
N GLY A 745 -30.95 29.42 6.21
CA GLY A 745 -31.92 29.09 7.25
C GLY A 745 -33.16 28.35 6.75
N ASN A 746 -33.05 27.68 5.61
CA ASN A 746 -34.20 26.96 5.06
C ASN A 746 -34.24 25.47 5.46
N GLY A 747 -34.97 25.19 6.54
CA GLY A 747 -34.99 23.88 7.16
C GLY A 747 -35.57 22.81 6.25
N GLU A 748 -36.68 23.16 5.59
CA GLU A 748 -37.38 22.22 4.73
C GLU A 748 -36.54 21.83 3.52
N LYS A 749 -35.94 22.83 2.86
CA LYS A 749 -35.07 22.60 1.71
C LYS A 749 -33.84 21.77 2.13
N PHE A 750 -33.25 22.11 3.27
CA PHE A 750 -32.13 21.33 3.76
C PHE A 750 -32.51 19.85 4.03
N LYS A 751 -33.67 19.62 4.64
CA LYS A 751 -34.12 18.24 4.86
C LYS A 751 -34.24 17.51 3.53
N PHE A 752 -34.84 18.18 2.54
CA PHE A 752 -35.10 17.54 1.26
C PHE A 752 -33.80 17.23 0.50
N VAL A 753 -32.92 18.22 0.44
CA VAL A 753 -31.69 18.13 -0.32
C VAL A 753 -30.70 17.17 0.36
N SER A 754 -30.57 17.26 1.69
CA SER A 754 -29.62 16.42 2.42
C SER A 754 -30.15 14.99 2.34
N GLY A 755 -31.48 14.87 2.35
CA GLY A 755 -32.10 13.57 2.17
C GLY A 755 -31.72 12.91 0.86
N LYS A 756 -31.74 13.69 -0.23
CA LYS A 756 -31.34 13.21 -1.57
C LYS A 756 -29.84 12.89 -1.57
N PHE A 757 -29.04 13.72 -0.90
CA PHE A 757 -27.59 13.48 -0.78
C PHE A 757 -27.30 12.12 -0.10
N LEU A 758 -28.04 11.81 0.98
CA LEU A 758 -27.82 10.51 1.64
C LEU A 758 -28.29 9.35 0.75
N GLU A 759 -29.44 9.51 0.09
CA GLU A 759 -29.92 8.49 -0.85
C GLU A 759 -28.89 8.29 -1.96
N LEU A 760 -28.28 9.39 -2.40
CA LEU A 760 -27.26 9.30 -3.45
C LEU A 760 -26.14 8.38 -2.95
N ILE A 761 -25.72 8.54 -1.70
CA ILE A 761 -24.65 7.68 -1.17
C ILE A 761 -25.08 6.21 -1.10
N LYS A 762 -26.34 6.00 -0.77
CA LYS A 762 -26.87 4.64 -0.75
C LYS A 762 -26.81 3.97 -2.12
N LEU A 763 -27.13 4.73 -3.17
CA LEU A 763 -26.99 4.23 -4.54
C LEU A 763 -25.55 3.91 -4.88
N GLN A 764 -24.64 4.82 -4.51
CA GLN A 764 -23.22 4.62 -4.70
C GLN A 764 -22.76 3.31 -4.02
N GLU A 765 -23.28 3.03 -2.83
CA GLU A 765 -22.94 1.78 -2.14
C GLU A 765 -23.37 0.56 -2.96
N ARG A 766 -24.53 0.64 -3.61
CA ARG A 766 -24.96 -0.46 -4.49
C ARG A 766 -23.99 -0.58 -5.66
N VAL A 767 -23.54 0.54 -6.22
CA VAL A 767 -22.55 0.48 -7.32
C VAL A 767 -21.25 -0.22 -6.84
N LEU A 768 -20.75 0.24 -5.70
CA LEU A 768 -19.50 -0.29 -5.20
C LEU A 768 -19.57 -1.77 -4.85
N SER A 769 -20.73 -2.23 -4.39
CA SER A 769 -20.95 -3.62 -4.03
C SER A 769 -20.67 -4.59 -5.19
N THR A 770 -20.69 -4.12 -6.43
CA THR A 770 -20.62 -5.00 -7.60
C THR A 770 -19.21 -5.53 -7.95
N ARG A 771 -18.17 -4.97 -7.32
CA ARG A 771 -16.79 -5.36 -7.67
C ARG A 771 -16.03 -5.94 -6.48
N PRO A 772 -15.44 -7.13 -6.63
CA PRO A 772 -14.55 -7.71 -5.61
C PRO A 772 -13.41 -6.72 -5.19
N GLU A 773 -12.92 -5.93 -6.15
CA GLU A 773 -11.81 -4.98 -5.90
C GLU A 773 -12.22 -3.86 -4.88
N PHE A 774 -13.52 -3.59 -4.79
CA PHE A 774 -14.07 -2.51 -3.91
C PHE A 774 -14.53 -2.98 -2.52
N LEU A 775 -14.35 -4.25 -2.19
CA LEU A 775 -14.91 -4.74 -0.93
C LEU A 775 -13.92 -4.53 0.21
N ILE A 776 -14.26 -3.72 1.18
CA ILE A 776 -13.37 -3.62 2.37
C ILE A 776 -13.12 -5.02 2.98
N GLY A 777 -14.10 -5.92 2.86
CA GLY A 777 -13.95 -7.24 3.48
C GLY A 777 -12.79 -8.07 2.96
N ASN A 778 -12.41 -7.84 1.71
CA ASN A 778 -11.27 -8.52 1.12
C ASN A 778 -9.93 -7.99 1.66
N TRP A 779 -9.82 -6.68 1.72
CA TRP A 779 -8.64 -6.03 2.29
C TRP A 779 -8.42 -6.53 3.75
N ILE A 780 -9.49 -6.50 4.55
CA ILE A 780 -9.41 -6.93 5.97
C ILE A 780 -9.13 -8.42 6.07
N GLU A 781 -9.87 -9.21 5.30
CA GLU A 781 -9.60 -10.64 5.41
C GLU A 781 -8.20 -11.01 4.97
N ASP A 782 -7.67 -10.37 3.92
CA ASP A 782 -6.28 -10.64 3.54
C ASP A 782 -5.34 -10.34 4.69
N ALA A 783 -5.52 -9.19 5.34
CA ALA A 783 -4.68 -8.84 6.50
C ALA A 783 -4.77 -9.93 7.60
N ARG A 784 -5.99 -10.37 7.91
CA ARG A 784 -6.16 -11.28 9.03
C ARG A 784 -5.65 -12.70 8.71
N THR A 785 -5.44 -13.01 7.42
CA THR A 785 -5.04 -14.37 7.03
C THR A 785 -3.69 -14.43 6.33
N MET A 786 -2.95 -13.34 6.32
CA MET A 786 -1.73 -13.34 5.51
C MET A 786 -0.62 -14.26 6.02
N LEU A 787 -0.62 -14.63 7.29
CA LEU A 787 0.40 -15.57 7.80
C LEU A 787 -0.21 -16.92 8.08
N LYS A 788 0.61 -17.95 8.15
CA LYS A 788 0.16 -19.29 8.52
C LYS A 788 -0.02 -19.39 10.04
N ASP A 789 -1.18 -19.87 10.51
CA ASP A 789 -1.34 -20.24 11.92
C ASP A 789 -1.12 -19.07 12.90
N SER A 790 -1.57 -17.87 12.57
CA SER A 790 -1.29 -16.77 13.50
C SER A 790 -2.36 -16.74 14.60
N ASP A 791 -1.99 -16.22 15.75
CA ASP A 791 -2.93 -16.19 16.88
C ASP A 791 -3.99 -15.08 16.73
N ASP A 792 -5.01 -15.04 17.61
CA ASP A 792 -6.00 -13.97 17.55
C ASP A 792 -5.38 -12.59 17.73
N TRP A 793 -4.38 -12.50 18.60
CA TRP A 793 -3.69 -11.23 18.82
C TRP A 793 -3.20 -10.64 17.50
N THR A 794 -2.46 -11.45 16.75
CA THR A 794 -1.85 -11.04 15.51
C THR A 794 -2.92 -10.67 14.45
N LYS A 795 -3.98 -11.49 14.33
CA LYS A 795 -5.10 -11.16 13.42
C LYS A 795 -5.71 -9.79 13.73
N ASP A 796 -6.02 -9.56 15.01
CA ASP A 796 -6.64 -8.29 15.43
C ASP A 796 -5.71 -7.12 15.16
N LEU A 797 -4.44 -7.30 15.46
CA LEU A 797 -3.43 -6.24 15.21
C LEU A 797 -3.27 -5.96 13.71
N PHE A 798 -3.21 -7.02 12.91
CA PHE A 798 -3.15 -6.82 11.47
C PHE A 798 -4.44 -6.19 10.96
N GLU A 799 -5.58 -6.54 11.55
CA GLU A 799 -6.82 -5.88 11.12
C GLU A 799 -6.76 -4.40 11.47
N PHE A 800 -6.24 -4.08 12.66
CA PHE A 800 -6.05 -2.65 13.00
C PHE A 800 -5.22 -1.94 11.92
N ASN A 801 -4.09 -2.52 11.49
CA ASN A 801 -3.26 -1.93 10.41
C ASN A 801 -4.10 -1.65 9.12
N ALA A 802 -4.87 -2.66 8.72
CA ALA A 802 -5.71 -2.58 7.51
C ALA A 802 -6.76 -1.44 7.62
N ARG A 803 -7.48 -1.40 8.76
CA ARG A 803 -8.52 -0.36 8.95
C ARG A 803 -7.93 1.03 9.10
N ALA A 804 -6.85 1.15 9.87
CA ALA A 804 -6.28 2.51 10.09
C ALA A 804 -5.73 3.10 8.79
N LEU A 805 -5.03 2.29 8.00
CA LEU A 805 -4.31 2.90 6.86
C LEU A 805 -5.29 3.62 5.93
N VAL A 806 -6.51 3.08 5.78
CA VAL A 806 -7.45 3.61 4.80
C VAL A 806 -8.38 4.69 5.39
N THR A 807 -8.14 5.06 6.66
CA THR A 807 -9.00 6.03 7.32
C THR A 807 -8.14 7.07 8.06
N THR A 808 -7.98 6.94 9.37
CA THR A 808 -7.24 7.91 10.17
C THR A 808 -5.74 7.87 9.89
N TRP A 809 -5.28 6.77 9.27
CA TRP A 809 -3.87 6.56 8.94
C TRP A 809 -3.03 6.25 10.19
N GLY A 810 -2.94 7.22 11.11
CA GLY A 810 -2.33 6.97 12.38
C GLY A 810 -3.31 7.27 13.50
N SER A 811 -2.78 7.69 14.64
CA SER A 811 -3.69 8.06 15.69
C SER A 811 -3.90 9.59 15.66
N ARG A 812 -4.43 10.18 16.72
CA ARG A 812 -4.93 11.55 16.60
C ARG A 812 -3.92 12.52 16.07
N ASN A 813 -2.69 12.48 16.61
CA ASN A 813 -1.67 13.52 16.24
C ASN A 813 -1.15 13.30 14.85
N ASN A 814 -1.38 12.10 14.33
CA ASN A 814 -1.00 11.84 12.91
C ASN A 814 -2.11 12.21 11.97
N ALA A 815 -3.34 11.82 12.30
CA ALA A 815 -4.52 12.17 11.47
C ALA A 815 -4.79 13.66 11.39
N ASP A 816 -4.66 14.33 12.54
CA ASP A 816 -5.14 15.72 12.67
C ASP A 816 -4.00 16.71 12.49
N GLY A 817 -3.22 16.94 13.55
CA GLY A 817 -2.04 17.83 13.40
C GLY A 817 -1.06 17.37 12.32
N GLY A 818 -0.94 16.05 12.11
CA GLY A 818 0.01 15.54 11.14
C GLY A 818 -0.51 15.58 9.70
N GLY A 819 -1.79 15.85 9.51
CA GLY A 819 -2.34 16.01 8.17
C GLY A 819 -2.76 14.75 7.42
N LEU A 820 -2.69 13.57 8.07
CA LEU A 820 -2.90 12.30 7.31
C LEU A 820 -4.32 11.79 7.24
N LYS A 821 -5.27 12.45 7.88
CA LYS A 821 -6.63 11.93 7.89
C LYS A 821 -7.16 11.69 6.47
N ASP A 822 -7.71 10.50 6.29
CA ASP A 822 -8.29 10.10 5.00
C ASP A 822 -7.34 10.25 3.83
N TYR A 823 -6.03 10.22 4.08
CA TYR A 823 -5.07 10.31 2.96
C TYR A 823 -5.34 9.15 1.98
N SER A 824 -5.67 7.97 2.52
CA SER A 824 -5.85 6.80 1.65
C SER A 824 -7.35 6.44 1.51
N ASN A 825 -8.19 7.47 1.45
CA ASN A 825 -9.63 7.22 1.35
C ASN A 825 -10.00 6.42 0.10
N ARG A 826 -10.91 5.45 0.27
CA ARG A 826 -11.19 4.50 -0.80
C ARG A 826 -12.66 4.55 -1.04
N GLN A 827 -13.05 4.57 -2.31
CA GLN A 827 -14.49 4.45 -2.63
C GLN A 827 -14.84 2.97 -2.59
N TRP A 828 -15.04 2.50 -1.38
CA TRP A 828 -15.17 1.06 -1.16
C TRP A 828 -16.48 0.67 -0.53
N SER A 829 -16.95 -0.52 -0.89
CA SER A 829 -18.15 -1.08 -0.28
C SER A 829 -17.82 -1.38 1.18
N GLY A 830 -18.82 -1.28 2.06
CA GLY A 830 -18.68 -1.55 3.51
C GLY A 830 -18.10 -0.32 4.22
N LEU A 831 -16.95 0.13 3.72
CA LEU A 831 -16.34 1.35 4.23
C LEU A 831 -17.27 2.54 3.96
N THR A 832 -17.94 2.57 2.80
CA THR A 832 -18.88 3.68 2.51
C THR A 832 -20.09 3.69 3.46
N GLU A 833 -20.68 2.51 3.70
CA GLU A 833 -21.87 2.38 4.60
C GLU A 833 -21.52 2.76 6.03
N ASP A 834 -20.41 2.23 6.53
CA ASP A 834 -20.16 2.29 7.97
C ASP A 834 -19.25 3.43 8.43
N TYR A 835 -18.69 4.14 7.47
CA TYR A 835 -17.69 5.19 7.79
C TYR A 835 -18.08 6.44 7.07
N TYR A 836 -17.99 6.48 5.73
CA TYR A 836 -18.34 7.75 5.04
C TYR A 836 -19.80 8.20 5.25
N TYR A 837 -20.73 7.29 4.97
CA TYR A 837 -22.16 7.57 5.15
C TYR A 837 -22.45 8.03 6.60
N ALA A 838 -21.87 7.31 7.55
CA ALA A 838 -22.15 7.53 8.97
C ALA A 838 -21.70 8.97 9.37
N ARG A 839 -20.52 9.39 8.89
CA ARG A 839 -20.05 10.80 9.10
C ARG A 839 -21.04 11.85 8.56
N TRP A 840 -21.42 11.76 7.28
CA TRP A 840 -22.38 12.70 6.69
C TRP A 840 -23.71 12.73 7.42
N GLU A 841 -24.23 11.54 7.74
CA GLU A 841 -25.50 11.42 8.45
C GLU A 841 -25.46 12.18 9.78
N LYS A 842 -24.37 11.99 10.52
CA LYS A 842 -24.19 12.64 11.80
C LYS A 842 -24.16 14.17 11.66
N TRP A 843 -23.37 14.68 10.70
CA TRP A 843 -23.28 16.11 10.45
C TRP A 843 -24.64 16.71 10.01
N ILE A 844 -25.30 16.01 9.10
CA ILE A 844 -26.61 16.42 8.62
C ILE A 844 -27.59 16.47 9.77
N ASN A 845 -27.68 15.42 10.58
CA ASN A 845 -28.64 15.42 11.67
C ASN A 845 -28.42 16.59 12.63
N GLY A 846 -27.16 16.91 12.87
CA GLY A 846 -26.86 18.03 13.78
C GLY A 846 -27.30 19.34 13.18
N LEU A 847 -27.06 19.53 11.88
CA LEU A 847 -27.51 20.75 11.25
C LEU A 847 -29.06 20.82 11.20
N GLN A 848 -29.71 19.68 10.93
CA GLN A 848 -31.17 19.65 10.90
C GLN A 848 -31.78 20.07 12.26
N ALA A 849 -31.23 19.52 13.33
CA ALA A 849 -31.70 19.79 14.68
C ALA A 849 -31.61 21.28 15.00
N GLU A 850 -30.53 21.93 14.57
CA GLU A 850 -30.36 23.38 14.70
C GLU A 850 -31.38 24.17 13.86
N LEU A 851 -31.52 23.83 12.58
CA LEU A 851 -32.46 24.52 11.70
C LEU A 851 -33.88 24.42 12.23
N ASP A 852 -34.18 23.31 12.87
CA ASP A 852 -35.52 23.02 13.38
C ASP A 852 -35.82 23.77 14.70
N GLY A 853 -34.85 24.49 15.23
CA GLY A 853 -35.05 25.30 16.42
C GLY A 853 -34.34 24.74 17.64
N GLY A 854 -33.62 23.64 17.45
CA GLY A 854 -32.85 23.03 18.54
C GLY A 854 -31.60 23.81 18.87
N ALA A 855 -30.74 23.22 19.69
CA ALA A 855 -29.46 23.84 20.02
C ALA A 855 -28.52 23.92 18.80
N LYS A 856 -27.61 24.89 18.84
CA LYS A 856 -26.52 25.01 17.88
C LYS A 856 -25.88 23.63 17.56
N ALA A 857 -25.58 23.38 16.31
CA ALA A 857 -24.90 22.14 15.94
C ALA A 857 -23.56 22.04 16.71
N PRO A 858 -23.38 20.95 17.48
CA PRO A 858 -22.14 20.69 18.21
C PRO A 858 -20.93 20.49 17.30
N ASN A 859 -19.74 20.82 17.80
CA ASN A 859 -18.49 20.41 17.15
C ASN A 859 -18.45 18.91 17.16
N ILE A 860 -18.10 18.29 16.07
CA ILE A 860 -17.93 16.86 16.11
C ILE A 860 -16.42 16.57 16.16
N ASP A 861 -16.02 15.71 17.10
CA ASP A 861 -14.64 15.18 17.15
C ASP A 861 -14.50 14.03 16.13
N TRP A 862 -14.18 14.37 14.88
CA TRP A 862 -14.18 13.37 13.79
C TRP A 862 -13.26 12.23 14.08
N PHE A 863 -12.06 12.56 14.54
CA PHE A 863 -11.08 11.54 14.76
C PHE A 863 -11.62 10.47 15.73
N LYS A 864 -12.31 10.88 16.79
CA LYS A 864 -12.78 9.90 17.80
C LYS A 864 -13.81 8.96 17.18
N MET A 865 -14.71 9.50 16.37
CA MET A 865 -15.72 8.65 15.70
C MET A 865 -15.03 7.67 14.72
N GLU A 866 -14.06 8.19 13.99
CA GLU A 866 -13.34 7.42 12.95
C GLU A 866 -12.54 6.29 13.58
N TYR A 867 -11.85 6.63 14.67
CA TYR A 867 -11.03 5.66 15.39
C TYR A 867 -11.90 4.54 15.97
N ASP A 868 -13.13 4.86 16.36
CA ASP A 868 -14.04 3.85 16.89
CA ASP A 868 -14.01 3.83 16.90
C ASP A 868 -14.23 2.75 15.83
N TRP A 869 -14.35 3.16 14.58
CA TRP A 869 -14.47 2.18 13.48
C TRP A 869 -13.16 1.41 13.27
N VAL A 870 -12.05 2.13 13.28
CA VAL A 870 -10.73 1.52 13.10
C VAL A 870 -10.47 0.36 14.07
N ASN A 871 -10.92 0.51 15.33
CA ASN A 871 -10.61 -0.48 16.34
C ASN A 871 -11.59 -1.66 16.44
N LYS A 872 -12.63 -1.70 15.61
CA LYS A 872 -13.54 -2.87 15.66
C LYS A 872 -12.90 -4.11 15.02
N LYS A 873 -13.34 -5.29 15.45
CA LYS A 873 -12.73 -6.53 15.02
C LYS A 873 -13.75 -7.38 14.26
N SER A 874 -13.24 -8.06 13.23
CA SER A 874 -14.09 -8.82 12.35
C SER A 874 -14.77 -9.99 13.04
N ASP A 875 -14.12 -10.56 14.07
CA ASP A 875 -14.68 -11.74 14.76
C ASP A 875 -15.65 -11.41 15.92
N THR A 876 -15.76 -10.14 16.32
CA THR A 876 -16.65 -9.81 17.42
C THR A 876 -17.67 -8.76 17.05
N ASP A 877 -17.32 -7.90 16.10
CA ASP A 877 -18.23 -6.82 15.72
C ASP A 877 -19.03 -7.20 14.46
N LYS A 878 -18.52 -6.89 13.29
CA LYS A 878 -19.19 -7.20 12.04
C LYS A 878 -18.16 -7.74 11.11
N LEU A 879 -18.48 -8.86 10.46
CA LEU A 879 -17.59 -9.44 9.44
C LEU A 879 -17.98 -8.91 8.07
N TYR A 880 -17.08 -8.18 7.39
CA TYR A 880 -17.44 -7.66 6.07
C TYR A 880 -17.38 -8.75 5.02
N PRO A 881 -18.28 -8.68 4.02
CA PRO A 881 -18.34 -9.81 3.05
C PRO A 881 -17.17 -9.82 2.05
N THR A 882 -16.87 -11.00 1.53
CA THR A 882 -15.82 -11.12 0.54
C THR A 882 -16.40 -11.45 -0.85
N GLU A 883 -17.71 -11.38 -1.00
CA GLU A 883 -18.35 -11.75 -2.26
C GLU A 883 -19.03 -10.49 -2.80
N ALA A 884 -18.83 -10.14 -4.07
CA ALA A 884 -19.56 -9.04 -4.69
C ALA A 884 -21.04 -9.36 -4.95
N SER A 885 -21.88 -8.33 -5.06
CA SER A 885 -23.33 -8.50 -5.30
C SER A 885 -23.65 -8.74 -6.78
N ASN A 886 -24.92 -9.02 -7.08
CA ASN A 886 -25.34 -9.15 -8.50
C ASN A 886 -26.02 -7.92 -9.04
N GLU A 887 -25.90 -6.76 -8.37
CA GLU A 887 -26.60 -5.55 -8.86
C GLU A 887 -26.27 -5.30 -10.30
N ASN A 888 -27.26 -4.78 -11.04
CA ASN A 888 -27.13 -4.63 -12.48
C ASN A 888 -26.65 -3.18 -12.75
N LEU A 889 -25.43 -2.98 -13.25
CA LEU A 889 -24.87 -1.63 -13.38
C LEU A 889 -25.63 -0.78 -14.39
N GLY A 890 -26.17 -1.44 -15.43
CA GLY A 890 -27.10 -0.77 -16.39
C GLY A 890 -28.32 -0.15 -15.73
N GLU A 891 -28.98 -0.88 -14.83
CA GLU A 891 -30.14 -0.35 -14.09
C GLU A 891 -29.75 0.70 -13.06
N LEU A 892 -28.65 0.46 -12.34
CA LEU A 892 -28.14 1.48 -11.42
C LEU A 892 -27.80 2.77 -12.16
N ALA A 893 -27.20 2.65 -13.34
CA ALA A 893 -26.90 3.84 -14.15
C ALA A 893 -28.18 4.62 -14.54
N LYS A 894 -29.27 3.89 -14.85
CA LYS A 894 -30.55 4.53 -15.20
C LYS A 894 -31.14 5.28 -14.02
N ILE A 895 -31.09 4.67 -12.83
CA ILE A 895 -31.55 5.34 -11.62
C ILE A 895 -30.68 6.62 -11.37
N ALA A 896 -29.37 6.48 -11.54
CA ALA A 896 -28.47 7.62 -11.31
C ALA A 896 -28.82 8.77 -12.25
N MET A 897 -28.96 8.48 -13.55
CA MET A 897 -29.31 9.49 -14.55
C MET A 897 -30.64 10.13 -14.26
N GLU A 898 -31.62 9.30 -13.91
CA GLU A 898 -32.94 9.83 -13.61
C GLU A 898 -33.04 10.63 -12.30
N SER A 899 -32.37 10.19 -11.22
CA SER A 899 -32.69 10.73 -9.89
C SER A 899 -31.56 11.37 -9.11
N TYR A 900 -30.32 11.23 -9.58
CA TYR A 900 -29.17 11.67 -8.80
C TYR A 900 -28.13 12.26 -9.71
N SER A 901 -28.55 12.87 -10.80
CA SER A 901 -27.61 13.37 -11.79
C SER A 901 -27.41 14.89 -11.81
N VAL A 902 -26.35 15.34 -12.51
CA VAL A 902 -26.20 16.75 -12.79
C VAL A 902 -27.14 17.12 -13.95
N THR A 903 -27.20 16.26 -14.97
CA THR A 903 -28.05 16.54 -16.14
C THR A 903 -29.50 16.88 -15.72
N ASN A 904 -30.08 16.06 -14.85
CA ASN A 904 -31.48 16.23 -14.45
C ASN A 904 -31.70 16.95 -13.13
N MET A 905 -30.65 17.61 -12.64
CA MET A 905 -30.64 18.22 -11.31
C MET A 905 -31.74 19.27 -11.08
N ASP A 906 -32.06 20.09 -12.07
CA ASP A 906 -33.13 21.10 -11.88
C ASP A 906 -34.49 20.41 -11.65
N LYS A 907 -34.79 19.48 -12.54
CA LYS A 907 -35.92 18.58 -12.42
C LYS A 907 -35.89 17.84 -11.06
N ILE A 908 -34.73 17.29 -10.69
CA ILE A 908 -34.58 16.52 -9.44
C ILE A 908 -34.79 17.35 -8.16
N LEU A 909 -34.16 18.53 -8.09
CA LEU A 909 -34.22 19.35 -6.86
C LEU A 909 -35.33 20.41 -6.84
#